data_7K3P
#
_entry.id   7K3P
#
_cell.length_a   87.700
_cell.length_b   87.700
_cell.length_c   261.660
_cell.angle_alpha   90.000
_cell.angle_beta   90.000
_cell.angle_gamma   90.000
#
_symmetry.space_group_name_H-M   'P 41 21 2'
#
loop_
_entity.id
_entity.type
_entity.pdbx_description
1 polymer 'UDP-glucose 4-epimerase'
2 non-polymer NICOTINAMIDE-ADENINE-DINUCLEOTIDE
3 non-polymer GLYCEROL
4 non-polymer 'ACETATE ION'
5 water water
#
_entity_poly.entity_id   1
_entity_poly.type   'polypeptide(L)'
_entity_poly.pdbx_seq_one_letter_code
;MGGSHHHHHHGLVPRGSKILISGGAGYIGSHTLRQFLKTDHEICVLDNLSKGSKIAIEDLAATRAFKFFEQDLSDFQGVK
ALFEREKFDAIVHFAASIEVFESMQNPLKYYMNNTVNTTNLIETCLQTGVNKFIFSSTAATYGEPQTPVVSETSPLAPIN
PYGRSKLMSEEVLRDASMANPEFKHCILRYFNVAGACMDYTLGQRYPKATLLIKVAAECAAGKRDKLFIFGDDYDTKDGT
CIRDFIHVDDISSAHLAALDYLKENESNVFNVGYGHGFSVKEVIEAMKKVSGVDFKVELAPRRAGDPSVLISDASKIRNL
TSWQPKYDDLELICKSAFDWEKQC
;
_entity_poly.pdbx_strand_id   A,B
#
loop_
_chem_comp.id
_chem_comp.type
_chem_comp.name
_chem_comp.formula
ACT non-polymer 'ACETATE ION' 'C2 H3 O2 -1'
GOL non-polymer GLYCEROL 'C3 H8 O3'
NAD non-polymer NICOTINAMIDE-ADENINE-DINUCLEOTIDE 'C21 H27 N7 O14 P2'
#
# COMPACT_ATOMS: atom_id res chain seq x y z
N GLY A 16 -27.21 -22.81 -3.55
CA GLY A 16 -26.34 -21.93 -4.32
C GLY A 16 -24.95 -21.77 -3.72
N SER A 17 -24.16 -20.90 -4.35
CA SER A 17 -22.77 -20.67 -3.92
C SER A 17 -22.65 -20.21 -2.46
N LYS A 18 -21.49 -20.48 -1.84
CA LYS A 18 -21.26 -20.02 -0.47
C LYS A 18 -20.49 -18.70 -0.46
N ILE A 19 -21.14 -17.67 0.08
CA ILE A 19 -20.62 -16.32 0.04
C ILE A 19 -20.34 -15.80 1.45
N LEU A 20 -19.14 -15.23 1.65
CA LEU A 20 -18.86 -14.51 2.88
C LEU A 20 -18.97 -12.99 2.66
N ILE A 21 -19.77 -12.33 3.49
CA ILE A 21 -19.88 -10.88 3.46
C ILE A 21 -19.16 -10.30 4.68
N SER A 22 -17.94 -9.78 4.52
CA SER A 22 -17.28 -9.07 5.61
C SER A 22 -17.92 -7.71 5.82
N GLY A 23 -18.06 -7.29 7.08
CA GLY A 23 -18.70 -6.03 7.38
C GLY A 23 -20.21 -6.08 7.19
N GLY A 24 -20.75 -7.29 7.16
CA GLY A 24 -22.17 -7.50 6.93
C GLY A 24 -23.12 -6.94 7.98
N ALA A 25 -22.58 -6.51 9.11
CA ALA A 25 -23.44 -5.89 10.14
C ALA A 25 -23.46 -4.37 10.01
N GLY A 26 -22.64 -3.83 9.11
CA GLY A 26 -22.57 -2.38 8.90
C GLY A 26 -23.68 -1.87 7.96
N TYR A 27 -23.57 -0.62 7.55
CA TYR A 27 -24.65 0.04 6.80
C TYR A 27 -24.88 -0.57 5.43
N ILE A 28 -23.85 -0.57 4.59
CA ILE A 28 -24.02 -1.12 3.24
C ILE A 28 -24.03 -2.65 3.28
N GLY A 29 -23.18 -3.22 4.13
CA GLY A 29 -23.12 -4.66 4.30
C GLY A 29 -24.44 -5.32 4.70
N SER A 30 -25.15 -4.73 5.66
CA SER A 30 -26.42 -5.30 6.11
C SER A 30 -27.49 -5.20 5.02
N HIS A 31 -27.51 -4.08 4.30
CA HIS A 31 -28.44 -3.92 3.17
C HIS A 31 -28.13 -4.91 2.06
N THR A 32 -26.84 -5.16 1.85
CA THR A 32 -26.42 -6.13 0.85
C THR A 32 -26.77 -7.54 1.34
N LEU A 33 -26.62 -7.74 2.65
CA LEU A 33 -27.02 -9.00 3.28
C LEU A 33 -28.49 -9.29 3.01
N ARG A 34 -29.35 -8.31 3.26
CA ARG A 34 -30.79 -8.47 3.07
C ARG A 34 -31.11 -8.91 1.64
N GLN A 35 -30.47 -8.28 0.66
CA GLN A 35 -30.67 -8.65 -0.74
C GLN A 35 -30.15 -10.03 -1.08
N PHE A 36 -29.01 -10.42 -0.50
CA PHE A 36 -28.45 -11.76 -0.75
C PHE A 36 -29.33 -12.88 -0.18
N LEU A 37 -30.07 -12.58 0.88
CA LEU A 37 -30.90 -13.59 1.54
C LEU A 37 -32.08 -14.00 0.66
N LYS A 38 -32.44 -13.15 -0.29
CA LYS A 38 -33.53 -13.43 -1.22
C LYS A 38 -33.03 -14.20 -2.44
N THR A 39 -31.74 -14.54 -2.45
CA THR A 39 -31.16 -15.36 -3.50
C THR A 39 -31.04 -16.79 -2.96
N ASP A 40 -30.58 -17.72 -3.80
CA ASP A 40 -30.44 -19.09 -3.35
C ASP A 40 -29.02 -19.37 -2.84
N HIS A 41 -28.22 -18.32 -2.68
CA HIS A 41 -26.85 -18.48 -2.19
C HIS A 41 -26.83 -18.89 -0.73
N GLU A 42 -25.80 -19.64 -0.34
CA GLU A 42 -25.53 -19.88 1.07
C GLU A 42 -24.73 -18.69 1.62
N ILE A 43 -25.28 -18.02 2.63
CA ILE A 43 -24.73 -16.76 3.09
C ILE A 43 -24.06 -16.83 4.45
N CYS A 44 -22.84 -16.32 4.52
CA CYS A 44 -22.16 -16.16 5.80
C CYS A 44 -21.76 -14.69 5.99
N VAL A 45 -21.75 -14.24 7.24
CA VAL A 45 -21.42 -12.86 7.57
C VAL A 45 -20.31 -12.79 8.62
N LEU A 46 -19.32 -11.94 8.37
CA LEU A 46 -18.27 -11.66 9.36
C LEU A 46 -18.27 -10.18 9.75
N ASP A 47 -18.23 -9.91 11.04
CA ASP A 47 -18.21 -8.54 11.53
C ASP A 47 -17.81 -8.54 12.99
N ASN A 48 -16.99 -7.57 13.39
CA ASN A 48 -16.54 -7.47 14.78
C ASN A 48 -17.47 -6.59 15.59
N LEU A 49 -18.54 -6.13 14.94
CA LEU A 49 -19.53 -5.27 15.58
C LEU A 49 -18.94 -3.99 16.19
N SER A 50 -17.82 -3.50 15.63
CA SER A 50 -17.24 -2.23 16.06
C SER A 50 -18.13 -1.03 15.72
N LYS A 51 -18.78 -1.08 14.57
CA LYS A 51 -19.70 0.00 14.17
C LYS A 51 -21.02 -0.66 13.89
N GLY A 52 -20.93 -1.88 13.37
CA GLY A 52 -22.09 -2.72 13.12
C GLY A 52 -22.98 -2.88 14.34
N SER A 53 -24.23 -3.30 14.08
CA SER A 53 -25.21 -3.49 15.12
C SER A 53 -25.68 -4.93 15.06
N LYS A 54 -25.63 -5.61 16.20
CA LYS A 54 -26.08 -6.99 16.30
C LYS A 54 -27.57 -7.10 15.94
N ILE A 55 -28.34 -6.10 16.35
CA ILE A 55 -29.80 -6.13 16.20
C ILE A 55 -30.26 -6.20 14.72
N ALA A 56 -29.52 -5.54 13.83
CA ALA A 56 -29.78 -5.67 12.40
C ALA A 56 -29.58 -7.11 11.94
N ILE A 57 -28.54 -7.76 12.46
CA ILE A 57 -28.24 -9.16 12.17
C ILE A 57 -29.32 -10.14 12.66
N GLU A 58 -29.67 -10.04 13.94
CA GLU A 58 -30.72 -10.89 14.52
C GLU A 58 -32.04 -10.74 13.77
N ASP A 59 -32.41 -9.49 13.45
CA ASP A 59 -33.63 -9.19 12.71
C ASP A 59 -33.72 -9.83 11.33
N LEU A 60 -32.57 -10.02 10.68
CA LEU A 60 -32.52 -10.65 9.35
C LEU A 60 -32.37 -12.17 9.43
N ALA A 61 -31.90 -12.67 10.58
CA ALA A 61 -31.81 -14.11 10.82
C ALA A 61 -33.21 -14.69 11.01
N ALA A 62 -34.13 -13.84 11.45
CA ALA A 62 -35.56 -14.16 11.51
C ALA A 62 -36.23 -13.98 10.13
N THR A 63 -35.41 -14.03 9.08
CA THR A 63 -35.89 -14.06 7.70
C THR A 63 -35.47 -15.40 7.13
N ARG A 64 -34.21 -15.46 6.74
CA ARG A 64 -33.55 -16.70 6.36
C ARG A 64 -32.43 -16.95 7.36
N ALA A 65 -31.92 -18.17 7.38
CA ALA A 65 -30.76 -18.46 8.22
C ALA A 65 -29.47 -18.12 7.45
N PHE A 66 -28.50 -17.63 8.21
CA PHE A 66 -27.15 -17.43 7.71
C PHE A 66 -26.22 -17.52 8.91
N LYS A 67 -25.01 -17.99 8.70
CA LYS A 67 -24.03 -18.04 9.77
C LYS A 67 -23.51 -16.65 10.03
N PHE A 68 -23.55 -16.22 11.30
CA PHE A 68 -22.88 -14.98 11.66
C PHE A 68 -21.63 -15.24 12.48
N PHE A 69 -20.47 -14.82 11.96
CA PHE A 69 -19.22 -14.96 12.68
C PHE A 69 -18.76 -13.64 13.29
N GLU A 70 -18.88 -13.52 14.62
CA GLU A 70 -18.44 -12.32 15.31
C GLU A 70 -16.92 -12.40 15.50
N GLN A 71 -16.20 -11.96 14.47
CA GLN A 71 -14.75 -12.13 14.37
C GLN A 71 -14.08 -10.87 13.85
N ASP A 72 -12.88 -10.61 14.33
CA ASP A 72 -12.13 -9.45 13.88
C ASP A 72 -11.11 -9.88 12.82
N LEU A 73 -11.09 -9.14 11.71
CA LEU A 73 -10.14 -9.40 10.61
C LEU A 73 -8.68 -9.23 11.03
N SER A 74 -8.42 -8.55 12.15
CA SER A 74 -7.03 -8.39 12.61
C SER A 74 -6.47 -9.66 13.28
N ASP A 75 -7.36 -10.60 13.61
CA ASP A 75 -6.91 -11.91 14.13
C ASP A 75 -6.66 -12.80 12.92
N PHE A 76 -5.43 -12.78 12.40
CA PHE A 76 -5.16 -13.43 11.12
C PHE A 76 -5.36 -14.95 11.17
N GLN A 77 -5.01 -15.56 12.30
CA GLN A 77 -5.13 -17.01 12.43
C GLN A 77 -6.60 -17.40 12.41
N GLY A 78 -7.43 -16.63 13.11
CA GLY A 78 -8.85 -16.87 13.19
C GLY A 78 -9.50 -16.78 11.81
N VAL A 79 -8.99 -15.85 11.00
CA VAL A 79 -9.47 -15.69 9.63
C VAL A 79 -9.08 -16.88 8.79
N LYS A 80 -7.81 -17.25 8.84
CA LYS A 80 -7.32 -18.39 8.09
C LYS A 80 -8.14 -19.63 8.44
N ALA A 81 -8.39 -19.83 9.73
CA ALA A 81 -9.10 -21.04 10.17
C ALA A 81 -10.55 -21.02 9.71
N LEU A 82 -11.21 -19.86 9.79
CA LEU A 82 -12.59 -19.74 9.30
C LEU A 82 -12.64 -20.15 7.82
N PHE A 83 -11.72 -19.61 7.04
CA PHE A 83 -11.63 -19.92 5.61
C PHE A 83 -11.26 -21.38 5.29
N GLU A 84 -10.36 -21.97 6.09
CA GLU A 84 -10.08 -23.40 5.90
C GLU A 84 -11.32 -24.26 6.17
N ARG A 85 -12.09 -23.89 7.19
CA ARG A 85 -13.25 -24.69 7.59
C ARG A 85 -14.41 -24.51 6.63
N GLU A 86 -14.70 -23.26 6.25
CA GLU A 86 -15.90 -22.97 5.48
C GLU A 86 -15.77 -23.15 3.97
N LYS A 87 -14.56 -22.95 3.44
CA LYS A 87 -14.30 -23.10 2.01
C LYS A 87 -15.27 -22.24 1.15
N PHE A 88 -15.15 -20.91 1.28
CA PHE A 88 -16.06 -20.02 0.56
C PHE A 88 -15.81 -20.05 -0.94
N ASP A 89 -16.86 -19.78 -1.71
CA ASP A 89 -16.70 -19.60 -3.16
C ASP A 89 -16.43 -18.12 -3.47
N ALA A 90 -17.00 -17.25 -2.65
CA ALA A 90 -16.83 -15.80 -2.85
C ALA A 90 -16.83 -15.04 -1.54
N ILE A 91 -16.18 -13.87 -1.59
CA ILE A 91 -16.24 -12.90 -0.51
C ILE A 91 -16.62 -11.54 -1.10
N VAL A 92 -17.49 -10.85 -0.39
CA VAL A 92 -17.84 -9.47 -0.65
C VAL A 92 -17.34 -8.71 0.54
N HIS A 93 -16.31 -7.88 0.31
CA HIS A 93 -15.53 -7.29 1.40
C HIS A 93 -15.86 -5.80 1.69
N PHE A 94 -16.71 -5.56 2.68
CA PHE A 94 -17.12 -4.22 3.09
C PHE A 94 -16.32 -3.67 4.29
N ALA A 95 -15.80 -4.57 5.13
CA ALA A 95 -15.19 -4.18 6.39
C ALA A 95 -14.03 -3.20 6.18
N ALA A 96 -14.09 -2.06 6.85
CA ALA A 96 -13.06 -1.05 6.76
C ALA A 96 -13.38 0.08 7.72
N SER A 97 -12.43 1.00 7.92
CA SER A 97 -12.70 2.31 8.51
C SER A 97 -12.90 3.27 7.34
N ILE A 98 -13.82 4.22 7.47
CA ILE A 98 -14.32 4.90 6.27
C ILE A 98 -14.34 6.45 6.30
N GLU A 99 -13.76 7.06 7.32
CA GLU A 99 -13.85 8.52 7.49
C GLU A 99 -12.55 9.25 7.12
N VAL A 100 -12.60 9.95 6.00
CA VAL A 100 -11.47 10.76 5.52
C VAL A 100 -10.87 11.62 6.64
N PHE A 101 -11.71 12.39 7.32
CA PHE A 101 -11.23 13.29 8.36
C PHE A 101 -10.46 12.55 9.46
N GLU A 102 -10.97 11.40 9.88
CA GLU A 102 -10.31 10.63 10.92
C GLU A 102 -8.97 10.11 10.41
N SER A 103 -8.89 9.77 9.13
CA SER A 103 -7.68 9.15 8.56
C SER A 103 -6.53 10.15 8.52
N MET A 104 -6.87 11.43 8.33
CA MET A 104 -5.87 12.49 8.35
C MET A 104 -5.25 12.61 9.73
N GLN A 105 -6.06 12.42 10.76
CA GLN A 105 -5.57 12.51 12.14
C GLN A 105 -4.92 11.22 12.63
N ASN A 106 -5.38 10.08 12.12
CA ASN A 106 -4.92 8.79 12.62
C ASN A 106 -4.68 7.86 11.44
N PRO A 107 -3.66 8.15 10.64
CA PRO A 107 -3.42 7.34 9.43
C PRO A 107 -3.16 5.89 9.74
N LEU A 108 -2.45 5.57 10.83
CA LEU A 108 -2.08 4.16 11.07
C LEU A 108 -3.31 3.26 11.32
N LYS A 109 -4.37 3.84 11.89
CA LYS A 109 -5.62 3.09 12.07
C LYS A 109 -6.19 2.67 10.71
N TYR A 110 -6.06 3.54 9.73
CA TYR A 110 -6.58 3.27 8.40
C TYR A 110 -5.72 2.24 7.64
N TYR A 111 -4.40 2.42 7.67
CA TYR A 111 -3.54 1.42 7.07
C TYR A 111 -3.64 0.05 7.74
N MET A 112 -3.87 0.01 9.05
CA MET A 112 -4.04 -1.26 9.76
C MET A 112 -5.39 -1.90 9.46
N ASN A 113 -6.48 -1.16 9.64
CA ASN A 113 -7.80 -1.77 9.55
C ASN A 113 -8.23 -1.98 8.10
N ASN A 114 -7.73 -1.15 7.21
CA ASN A 114 -8.04 -1.32 5.79
C ASN A 114 -6.97 -2.13 5.05
N THR A 115 -5.83 -1.53 4.77
CA THR A 115 -4.80 -2.18 3.95
C THR A 115 -4.24 -3.47 4.54
N VAL A 116 -3.89 -3.45 5.83
CA VAL A 116 -3.29 -4.63 6.44
C VAL A 116 -4.29 -5.78 6.55
N ASN A 117 -5.47 -5.52 7.11
CA ASN A 117 -6.46 -6.57 7.26
C ASN A 117 -6.87 -7.13 5.91
N THR A 118 -6.97 -6.24 4.93
CA THR A 118 -7.37 -6.67 3.59
C THR A 118 -6.29 -7.52 2.96
N THR A 119 -5.02 -7.19 3.22
CA THR A 119 -3.93 -7.97 2.66
C THR A 119 -3.94 -9.41 3.19
N ASN A 120 -4.09 -9.56 4.50
CA ASN A 120 -4.17 -10.92 5.03
C ASN A 120 -5.37 -11.67 4.44
N LEU A 121 -6.50 -10.96 4.31
CA LEU A 121 -7.72 -11.54 3.75
C LEU A 121 -7.47 -12.07 2.35
N ILE A 122 -6.78 -11.30 1.53
CA ILE A 122 -6.47 -11.74 0.17
C ILE A 122 -5.55 -12.95 0.17
N GLU A 123 -4.48 -12.92 0.98
CA GLU A 123 -3.61 -14.08 1.07
C GLU A 123 -4.39 -15.33 1.45
N THR A 124 -5.32 -15.17 2.40
CA THR A 124 -6.14 -16.28 2.87
C THR A 124 -7.11 -16.79 1.77
N CYS A 125 -7.69 -15.86 0.99
CA CYS A 125 -8.52 -16.26 -0.15
C CYS A 125 -7.71 -17.15 -1.07
N LEU A 126 -6.50 -16.72 -1.38
CA LEU A 126 -5.64 -17.45 -2.29
C LEU A 126 -5.28 -18.85 -1.77
N GLN A 127 -5.08 -18.95 -0.46
CA GLN A 127 -4.63 -20.21 0.14
C GLN A 127 -5.76 -21.23 0.25
N THR A 128 -6.99 -20.74 0.30
CA THR A 128 -8.15 -21.58 0.57
C THR A 128 -9.15 -21.65 -0.59
N GLY A 129 -8.72 -21.23 -1.78
CA GLY A 129 -9.54 -21.34 -2.98
C GLY A 129 -10.75 -20.41 -3.09
N VAL A 130 -10.70 -19.27 -2.43
CA VAL A 130 -11.76 -18.29 -2.60
C VAL A 130 -11.31 -17.48 -3.80
N ASN A 131 -11.96 -17.71 -4.94
CA ASN A 131 -11.45 -17.19 -6.19
C ASN A 131 -12.29 -16.09 -6.82
N LYS A 132 -13.29 -15.63 -6.09
CA LYS A 132 -14.04 -14.43 -6.46
C LYS A 132 -14.04 -13.46 -5.28
N PHE A 133 -13.50 -12.26 -5.51
CA PHE A 133 -13.34 -11.27 -4.44
C PHE A 133 -13.99 -9.95 -4.86
N ILE A 134 -15.08 -9.55 -4.21
CA ILE A 134 -15.68 -8.26 -4.53
C ILE A 134 -15.23 -7.26 -3.47
N PHE A 135 -14.53 -6.20 -3.91
CA PHE A 135 -13.94 -5.23 -2.98
C PHE A 135 -14.63 -3.88 -3.07
N SER A 136 -15.17 -3.42 -1.94
CA SER A 136 -15.70 -2.07 -1.83
C SER A 136 -14.53 -1.09 -1.73
N SER A 137 -14.16 -0.48 -2.86
CA SER A 137 -13.15 0.57 -2.84
C SER A 137 -13.91 1.90 -2.74
N THR A 138 -13.38 2.96 -3.34
CA THR A 138 -13.97 4.29 -3.14
C THR A 138 -13.54 5.26 -4.23
N ALA A 139 -14.36 6.27 -4.49
CA ALA A 139 -13.96 7.33 -5.42
C ALA A 139 -12.78 8.16 -4.86
N ALA A 140 -12.57 8.09 -3.55
CA ALA A 140 -11.39 8.75 -2.96
C ALA A 140 -10.08 8.30 -3.62
N THR A 141 -10.09 7.15 -4.27
CA THR A 141 -8.89 6.72 -4.98
C THR A 141 -8.53 7.66 -6.12
N TYR A 142 -9.50 8.39 -6.64
CA TYR A 142 -9.21 9.34 -7.72
C TYR A 142 -8.60 10.65 -7.21
N GLY A 143 -8.67 10.88 -5.89
CA GLY A 143 -8.15 12.11 -5.30
C GLY A 143 -8.95 13.32 -5.78
N GLU A 144 -8.26 14.29 -6.36
CA GLU A 144 -8.92 15.47 -6.92
C GLU A 144 -8.84 15.35 -8.44
N PRO A 145 -9.90 14.80 -9.04
CA PRO A 145 -9.91 14.48 -10.47
C PRO A 145 -9.85 15.76 -11.29
N GLN A 146 -9.27 15.66 -12.48
CA GLN A 146 -9.10 16.81 -13.35
C GLN A 146 -10.18 16.87 -14.41
N THR A 147 -11.20 16.01 -14.27
CA THR A 147 -12.39 16.00 -15.13
C THR A 147 -13.65 15.99 -14.27
N PRO A 148 -14.78 16.46 -14.83
CA PRO A 148 -16.07 16.50 -14.12
C PRO A 148 -16.76 15.15 -14.01
N VAL A 149 -16.49 14.25 -14.97
CA VAL A 149 -17.14 12.96 -14.99
C VAL A 149 -16.04 11.93 -15.03
N VAL A 150 -15.75 11.31 -13.87
CA VAL A 150 -14.55 10.48 -13.69
C VAL A 150 -14.76 9.04 -14.17
N SER A 151 -13.89 8.58 -15.05
CA SER A 151 -13.97 7.21 -15.55
C SER A 151 -12.93 6.34 -14.83
N GLU A 152 -13.11 5.03 -14.87
CA GLU A 152 -12.22 4.11 -14.15
C GLU A 152 -10.76 4.29 -14.55
N THR A 153 -10.54 4.81 -15.76
CA THR A 153 -9.17 5.03 -16.26
C THR A 153 -8.48 6.31 -15.75
N SER A 154 -9.20 7.16 -15.01
CA SER A 154 -8.60 8.39 -14.49
C SER A 154 -7.48 8.03 -13.54
N PRO A 155 -6.51 8.94 -13.39
CA PRO A 155 -5.37 8.63 -12.51
C PRO A 155 -5.82 8.39 -11.07
N LEU A 156 -5.16 7.40 -10.46
CA LEU A 156 -5.41 7.05 -9.07
C LEU A 156 -4.43 7.85 -8.21
N ALA A 157 -4.90 8.98 -7.69
CA ALA A 157 -4.03 9.92 -6.99
C ALA A 157 -4.66 10.40 -5.68
N PRO A 158 -4.87 9.48 -4.74
CA PRO A 158 -5.56 9.85 -3.49
C PRO A 158 -4.80 10.93 -2.71
N ILE A 159 -5.53 11.73 -1.95
CA ILE A 159 -4.93 12.85 -1.24
C ILE A 159 -5.09 12.73 0.28
N ASN A 160 -5.57 11.57 0.74
CA ASN A 160 -5.63 11.33 2.17
C ASN A 160 -5.35 9.86 2.48
N PRO A 161 -5.06 9.53 3.75
CA PRO A 161 -4.69 8.15 4.07
C PRO A 161 -5.83 7.17 3.82
N TYR A 162 -7.08 7.59 4.01
CA TYR A 162 -8.20 6.70 3.69
C TYR A 162 -8.13 6.30 2.21
N GLY A 163 -8.04 7.29 1.33
CA GLY A 163 -7.96 7.01 -0.09
C GLY A 163 -6.77 6.15 -0.48
N ARG A 164 -5.61 6.46 0.11
CA ARG A 164 -4.40 5.66 -0.13
C ARG A 164 -4.56 4.24 0.38
N SER A 165 -5.20 4.07 1.54
CA SER A 165 -5.31 2.75 2.16
C SER A 165 -6.16 1.82 1.28
N LYS A 166 -7.14 2.40 0.59
CA LYS A 166 -8.00 1.64 -0.32
C LYS A 166 -7.30 1.32 -1.63
N LEU A 167 -6.57 2.30 -2.17
CA LEU A 167 -5.82 2.11 -3.42
C LEU A 167 -4.75 1.04 -3.26
N MET A 168 -4.07 1.03 -2.11
CA MET A 168 -3.11 -0.01 -1.83
C MET A 168 -3.74 -1.40 -1.90
N SER A 169 -4.94 -1.55 -1.33
CA SER A 169 -5.62 -2.85 -1.41
C SER A 169 -5.99 -3.20 -2.85
N GLU A 170 -6.41 -2.21 -3.63
CA GLU A 170 -6.67 -2.44 -5.06
C GLU A 170 -5.45 -3.01 -5.74
N GLU A 171 -4.28 -2.44 -5.42
CA GLU A 171 -3.05 -2.84 -6.08
C GLU A 171 -2.62 -4.24 -5.68
N VAL A 172 -2.89 -4.61 -4.44
CA VAL A 172 -2.63 -5.97 -3.98
C VAL A 172 -3.56 -6.94 -4.74
N LEU A 173 -4.83 -6.58 -4.89
CA LEU A 173 -5.75 -7.41 -5.65
C LEU A 173 -5.27 -7.63 -7.08
N ARG A 174 -4.80 -6.56 -7.72
CA ARG A 174 -4.27 -6.65 -9.09
C ARG A 174 -3.07 -7.59 -9.19
N ASP A 175 -2.12 -7.47 -8.27
CA ASP A 175 -0.95 -8.36 -8.27
C ASP A 175 -1.34 -9.81 -7.96
N ALA A 176 -2.32 -9.99 -7.06
CA ALA A 176 -2.80 -11.31 -6.72
C ALA A 176 -3.37 -12.03 -7.96
N SER A 177 -4.19 -11.31 -8.72
CA SER A 177 -4.79 -11.86 -9.93
C SER A 177 -3.77 -12.14 -11.03
N MET A 178 -2.73 -11.32 -11.12
CA MET A 178 -1.75 -11.55 -12.16
C MET A 178 -0.89 -12.78 -11.85
N ALA A 179 -0.62 -13.00 -10.57
CA ALA A 179 0.18 -14.16 -10.17
C ALA A 179 -0.69 -15.42 -10.14
N ASN A 180 -1.99 -15.23 -10.02
CA ASN A 180 -2.93 -16.34 -9.87
C ASN A 180 -4.19 -16.13 -10.73
N PRO A 181 -4.09 -16.41 -12.04
CA PRO A 181 -5.11 -16.22 -13.08
C PRO A 181 -6.47 -16.74 -12.64
N GLU A 182 -6.48 -17.78 -11.82
CA GLU A 182 -7.73 -18.34 -11.30
C GLU A 182 -8.42 -17.41 -10.30
N PHE A 183 -7.67 -16.52 -9.68
CA PHE A 183 -8.22 -15.62 -8.66
C PHE A 183 -8.82 -14.37 -9.31
N LYS A 184 -10.14 -14.20 -9.17
CA LYS A 184 -10.86 -13.09 -9.79
C LYS A 184 -11.32 -12.04 -8.77
N HIS A 185 -11.08 -10.78 -9.09
CA HIS A 185 -11.50 -9.70 -8.22
C HIS A 185 -12.35 -8.72 -9.01
N CYS A 186 -13.35 -8.15 -8.34
CA CYS A 186 -14.07 -7.03 -8.93
C CYS A 186 -14.08 -5.89 -7.92
N ILE A 187 -13.50 -4.76 -8.32
CA ILE A 187 -13.42 -3.61 -7.44
C ILE A 187 -14.51 -2.60 -7.76
N LEU A 188 -15.23 -2.15 -6.74
CA LEU A 188 -16.26 -1.14 -6.94
C LEU A 188 -15.85 0.20 -6.31
N ARG A 189 -15.85 1.27 -7.11
CA ARG A 189 -15.60 2.62 -6.58
C ARG A 189 -16.87 3.45 -6.68
N TYR A 190 -17.13 4.29 -5.68
CA TYR A 190 -18.32 5.13 -5.69
C TYR A 190 -18.16 6.28 -4.73
N PHE A 191 -19.00 7.30 -4.90
CA PHE A 191 -18.99 8.45 -4.01
C PHE A 191 -19.85 8.17 -2.79
N ASN A 192 -20.35 9.22 -2.15
CA ASN A 192 -21.03 9.10 -0.87
C ASN A 192 -22.36 8.33 -0.97
N VAL A 193 -22.66 7.50 0.01
CA VAL A 193 -23.97 6.85 0.02
C VAL A 193 -24.91 7.44 1.07
N ALA A 194 -26.09 7.86 0.62
CA ALA A 194 -27.03 8.58 1.49
C ALA A 194 -27.35 7.77 2.73
N GLY A 195 -27.41 8.44 3.89
CA GLY A 195 -27.75 7.79 5.13
C GLY A 195 -26.59 7.19 5.93
N ALA A 196 -25.37 7.24 5.40
CA ALA A 196 -24.23 6.70 6.14
C ALA A 196 -23.92 7.54 7.38
N CYS A 197 -23.80 6.90 8.53
CA CYS A 197 -23.47 7.58 9.78
C CYS A 197 -21.98 7.77 9.90
N MET A 198 -21.55 9.02 9.85
CA MET A 198 -20.15 9.32 10.04
C MET A 198 -19.95 10.18 11.28
N ASP A 199 -18.97 9.81 12.10
CA ASP A 199 -18.75 10.45 13.39
C ASP A 199 -17.99 11.76 13.27
N TYR A 200 -17.32 11.98 12.12
CA TYR A 200 -16.46 13.14 11.96
C TYR A 200 -17.03 14.26 11.10
N THR A 201 -18.24 14.07 10.60
CA THR A 201 -18.86 15.07 9.72
C THR A 201 -19.44 16.26 10.48
N LEU A 202 -20.20 15.99 11.55
CA LEU A 202 -20.92 17.05 12.25
C LEU A 202 -19.99 18.12 12.82
N GLY A 203 -18.77 17.72 13.17
CA GLY A 203 -17.78 18.65 13.68
C GLY A 203 -17.06 19.50 12.64
N GLN A 204 -17.33 19.26 11.35
CA GLN A 204 -16.80 20.09 10.28
C GLN A 204 -17.82 21.18 9.94
N ARG A 205 -17.41 22.44 10.05
CA ARG A 205 -18.33 23.54 9.85
C ARG A 205 -18.66 23.74 8.37
N TYR A 206 -17.66 23.50 7.52
CA TYR A 206 -17.81 23.72 6.08
C TYR A 206 -17.37 22.51 5.26
N PRO A 207 -18.08 21.38 5.38
CA PRO A 207 -17.65 20.16 4.69
C PRO A 207 -17.71 20.26 3.16
N LYS A 208 -16.94 19.40 2.49
CA LYS A 208 -16.92 19.32 1.03
C LYS A 208 -18.31 19.03 0.49
N ALA A 209 -18.55 19.39 -0.77
CA ALA A 209 -19.87 19.23 -1.36
C ALA A 209 -20.21 17.75 -1.58
N THR A 210 -19.21 16.88 -1.52
CA THR A 210 -19.45 15.44 -1.65
C THR A 210 -20.26 14.92 -0.45
N LEU A 211 -20.31 15.71 0.61
CA LEU A 211 -21.05 15.34 1.83
C LEU A 211 -22.37 16.12 1.92
N LEU A 212 -22.80 16.67 0.78
CA LEU A 212 -24.00 17.52 0.75
C LEU A 212 -25.27 16.89 1.33
N ILE A 213 -25.55 15.64 0.97
CA ILE A 213 -26.73 14.97 1.51
C ILE A 213 -26.63 14.76 3.02
N LYS A 214 -25.45 14.37 3.50
CA LYS A 214 -25.24 14.21 4.94
C LYS A 214 -25.50 15.54 5.68
N VAL A 215 -24.92 16.62 5.17
CA VAL A 215 -25.10 17.95 5.75
C VAL A 215 -26.57 18.37 5.73
N ALA A 216 -27.22 18.18 4.60
CA ALA A 216 -28.64 18.49 4.47
C ALA A 216 -29.47 17.70 5.49
N ALA A 217 -29.18 16.41 5.62
CA ALA A 217 -29.84 15.55 6.60
C ALA A 217 -29.58 16.02 8.03
N GLU A 218 -28.33 16.40 8.31
CA GLU A 218 -27.96 16.90 9.65
C GLU A 218 -28.73 18.17 10.01
N CYS A 219 -28.89 19.07 9.05
CA CYS A 219 -29.66 20.30 9.26
C CYS A 219 -31.14 19.99 9.50
N ALA A 220 -31.69 19.13 8.66
CA ALA A 220 -33.10 18.75 8.74
C ALA A 220 -33.40 18.04 10.06
N ALA A 221 -32.40 17.37 10.63
CA ALA A 221 -32.61 16.67 11.88
C ALA A 221 -32.33 17.54 13.10
N GLY A 222 -32.04 18.81 12.86
CA GLY A 222 -31.77 19.75 13.94
C GLY A 222 -30.41 19.59 14.57
N LYS A 223 -29.52 18.88 13.88
CA LYS A 223 -28.18 18.62 14.40
C LYS A 223 -27.19 19.72 14.01
N ARG A 224 -27.40 20.26 12.82
CA ARG A 224 -26.53 21.30 12.29
C ARG A 224 -27.35 22.55 12.10
N ASP A 225 -26.79 23.68 12.49
CA ASP A 225 -27.55 24.91 12.57
C ASP A 225 -27.89 25.50 11.21
N LYS A 226 -26.90 25.56 10.33
CA LYS A 226 -27.07 26.16 9.01
C LYS A 226 -26.44 25.30 7.92
N LEU A 227 -26.91 25.49 6.69
CA LEU A 227 -26.29 24.88 5.51
C LEU A 227 -25.86 26.00 4.58
N PHE A 228 -24.61 25.99 4.15
CA PHE A 228 -24.13 27.06 3.27
C PHE A 228 -24.05 26.58 1.82
N ILE A 229 -24.58 27.38 0.90
CA ILE A 229 -24.35 27.12 -0.52
C ILE A 229 -23.15 27.96 -0.96
N PHE A 230 -22.03 27.30 -1.25
CA PHE A 230 -20.85 28.02 -1.71
C PHE A 230 -20.86 28.21 -3.21
N GLY A 231 -21.38 29.36 -3.66
CA GLY A 231 -21.44 29.67 -5.07
C GLY A 231 -22.76 29.26 -5.70
N ASP A 232 -23.37 30.20 -6.44
CA ASP A 232 -24.62 29.93 -7.13
C ASP A 232 -24.55 30.43 -8.57
N ASP A 233 -23.33 30.63 -9.06
CA ASP A 233 -23.11 31.11 -10.44
C ASP A 233 -22.20 30.20 -11.25
N TYR A 234 -22.21 28.91 -10.95
CA TYR A 234 -21.44 27.96 -11.75
C TYR A 234 -22.14 27.69 -13.08
N ASP A 235 -21.37 27.18 -14.05
CA ASP A 235 -21.90 26.78 -15.34
C ASP A 235 -22.66 25.44 -15.22
N THR A 236 -23.72 25.43 -14.42
CA THR A 236 -24.54 24.24 -14.26
C THR A 236 -26.00 24.62 -14.43
N LYS A 237 -26.87 23.62 -14.45
CA LYS A 237 -28.31 23.81 -14.58
C LYS A 237 -28.84 24.96 -13.72
N ASP A 238 -28.64 24.89 -12.42
CA ASP A 238 -29.16 25.91 -11.52
C ASP A 238 -28.08 26.81 -10.88
N GLY A 239 -26.86 26.75 -11.39
CA GLY A 239 -25.77 27.56 -10.86
C GLY A 239 -25.06 27.01 -9.62
N THR A 240 -25.58 25.92 -9.04
CA THR A 240 -24.93 25.34 -7.85
C THR A 240 -24.13 24.08 -8.21
N CYS A 241 -23.32 23.61 -7.27
CA CYS A 241 -22.45 22.45 -7.52
C CYS A 241 -23.25 21.16 -7.76
N ILE A 242 -22.73 20.32 -8.65
CA ILE A 242 -23.32 19.02 -8.93
C ILE A 242 -22.41 17.91 -8.37
N ARG A 243 -22.98 17.05 -7.53
CA ARG A 243 -22.22 15.95 -6.95
C ARG A 243 -22.95 14.63 -7.07
N ASP A 244 -22.25 13.54 -6.75
CA ASP A 244 -22.68 12.19 -7.00
C ASP A 244 -23.06 11.53 -5.66
N PHE A 245 -24.32 11.10 -5.55
CA PHE A 245 -24.82 10.40 -4.36
C PHE A 245 -25.53 9.12 -4.77
N ILE A 246 -25.63 8.15 -3.87
CA ILE A 246 -26.28 6.90 -4.23
C ILE A 246 -27.10 6.30 -3.09
N HIS A 247 -28.21 5.67 -3.43
CA HIS A 247 -29.08 5.04 -2.45
C HIS A 247 -28.41 3.76 -1.91
N VAL A 248 -28.51 3.53 -0.60
CA VAL A 248 -27.84 2.37 0.00
C VAL A 248 -28.26 1.04 -0.65
N ASP A 249 -29.49 0.96 -1.14
CA ASP A 249 -29.95 -0.31 -1.72
C ASP A 249 -29.47 -0.48 -3.16
N ASP A 250 -29.11 0.63 -3.80
CA ASP A 250 -28.57 0.61 -5.17
C ASP A 250 -27.08 0.29 -5.21
N ILE A 251 -26.34 0.82 -4.23
CA ILE A 251 -24.93 0.39 -4.14
C ILE A 251 -24.93 -1.07 -3.67
N SER A 252 -25.88 -1.42 -2.81
CA SER A 252 -25.99 -2.80 -2.36
C SER A 252 -26.20 -3.74 -3.55
N SER A 253 -27.17 -3.41 -4.41
CA SER A 253 -27.47 -4.31 -5.54
C SER A 253 -26.30 -4.42 -6.50
N ALA A 254 -25.51 -3.36 -6.62
CA ALA A 254 -24.36 -3.40 -7.53
C ALA A 254 -23.31 -4.40 -7.09
N HIS A 255 -23.27 -4.69 -5.80
CA HIS A 255 -22.32 -5.68 -5.31
C HIS A 255 -22.77 -7.08 -5.74
N LEU A 256 -24.08 -7.33 -5.69
CA LEU A 256 -24.64 -8.57 -6.22
C LEU A 256 -24.33 -8.66 -7.71
N ALA A 257 -24.59 -7.56 -8.43
CA ALA A 257 -24.32 -7.55 -9.86
C ALA A 257 -22.85 -7.84 -10.17
N ALA A 258 -21.95 -7.35 -9.31
CA ALA A 258 -20.50 -7.54 -9.50
C ALA A 258 -20.12 -9.02 -9.35
N LEU A 259 -20.76 -9.68 -8.39
CA LEU A 259 -20.51 -11.10 -8.18
C LEU A 259 -21.02 -11.88 -9.39
N ASP A 260 -22.24 -11.57 -9.82
CA ASP A 260 -22.82 -12.19 -11.01
C ASP A 260 -21.88 -12.03 -12.19
N TYR A 261 -21.33 -10.83 -12.34
CA TYR A 261 -20.40 -10.54 -13.44
C TYR A 261 -19.18 -11.46 -13.45
N LEU A 262 -18.66 -11.80 -12.26
CA LEU A 262 -17.44 -12.64 -12.19
C LEU A 262 -17.66 -14.12 -12.57
N LYS A 263 -18.91 -14.52 -12.81
CA LYS A 263 -19.17 -15.91 -13.23
C LYS A 263 -18.46 -16.27 -14.53
N GLU A 264 -18.61 -15.42 -15.56
CA GLU A 264 -18.07 -15.73 -16.88
C GLU A 264 -17.06 -14.71 -17.33
N ASN A 265 -16.84 -13.70 -16.51
CA ASN A 265 -16.00 -12.60 -16.92
C ASN A 265 -14.75 -12.47 -16.07
N GLU A 266 -13.76 -11.77 -16.62
CA GLU A 266 -12.47 -11.63 -15.96
C GLU A 266 -12.50 -10.51 -14.91
N SER A 267 -11.38 -10.32 -14.23
CA SER A 267 -11.29 -9.30 -13.18
C SER A 267 -11.58 -7.93 -13.76
N ASN A 268 -12.14 -7.02 -12.96
CA ASN A 268 -12.45 -5.69 -13.45
C ASN A 268 -12.68 -4.68 -12.34
N VAL A 269 -12.70 -3.41 -12.70
CA VAL A 269 -13.05 -2.35 -11.76
C VAL A 269 -14.19 -1.51 -12.33
N PHE A 270 -15.17 -1.17 -11.50
CA PHE A 270 -16.34 -0.42 -11.95
C PHE A 270 -16.60 0.74 -11.02
N ASN A 271 -16.89 1.91 -11.61
CA ASN A 271 -17.58 2.94 -10.85
C ASN A 271 -19.01 2.48 -10.66
N VAL A 272 -19.59 2.77 -9.50
CA VAL A 272 -21.02 2.57 -9.32
C VAL A 272 -21.66 3.93 -9.12
N GLY A 273 -22.59 4.30 -10.00
CA GLY A 273 -23.27 5.58 -9.90
C GLY A 273 -24.42 5.69 -10.89
N TYR A 274 -25.23 6.73 -10.74
CA TYR A 274 -26.40 6.92 -11.60
C TYR A 274 -26.05 7.51 -12.98
N GLY A 275 -24.79 7.91 -13.17
CA GLY A 275 -24.34 8.49 -14.44
C GLY A 275 -24.69 9.97 -14.57
N HIS A 276 -25.27 10.52 -13.51
CA HIS A 276 -25.54 11.96 -13.40
C HIS A 276 -25.48 12.31 -11.93
N GLY A 277 -25.38 13.61 -11.63
CA GLY A 277 -25.34 14.05 -10.25
C GLY A 277 -26.62 14.73 -9.81
N PHE A 278 -26.56 15.34 -8.63
CA PHE A 278 -27.64 16.18 -8.12
C PHE A 278 -27.01 17.50 -7.67
N SER A 279 -27.73 18.60 -7.80
CA SER A 279 -27.18 19.91 -7.42
C SER A 279 -27.46 20.19 -5.95
N VAL A 280 -26.74 21.17 -5.40
CA VAL A 280 -26.91 21.58 -4.01
C VAL A 280 -28.34 22.06 -3.79
N LYS A 281 -28.83 22.83 -4.76
CA LYS A 281 -30.16 23.40 -4.72
C LYS A 281 -31.22 22.29 -4.75
N GLU A 282 -31.03 21.31 -5.62
CA GLU A 282 -31.95 20.17 -5.70
C GLU A 282 -32.03 19.42 -4.37
N VAL A 283 -30.86 19.12 -3.79
CA VAL A 283 -30.80 18.38 -2.54
C VAL A 283 -31.48 19.13 -1.40
N ILE A 284 -31.27 20.45 -1.36
CA ILE A 284 -31.91 21.26 -0.33
C ILE A 284 -33.43 21.20 -0.46
N GLU A 285 -33.94 21.47 -1.67
CA GLU A 285 -35.37 21.41 -1.93
C GLU A 285 -35.95 20.04 -1.56
N ALA A 286 -35.35 18.97 -2.07
CA ALA A 286 -35.77 17.61 -1.74
C ALA A 286 -35.72 17.30 -0.24
N MET A 287 -34.63 17.65 0.43
CA MET A 287 -34.53 17.35 1.85
C MET A 287 -35.60 18.08 2.66
N LYS A 288 -35.85 19.35 2.30
CA LYS A 288 -36.85 20.15 2.99
C LYS A 288 -38.26 19.56 2.79
N LYS A 289 -38.57 19.21 1.55
CA LYS A 289 -39.88 18.66 1.20
C LYS A 289 -40.16 17.35 1.92
N VAL A 290 -39.16 16.49 1.96
CA VAL A 290 -39.28 15.14 2.50
C VAL A 290 -39.27 15.09 4.02
N SER A 291 -38.63 16.09 4.64
CA SER A 291 -38.55 16.14 6.10
C SER A 291 -39.60 17.06 6.71
N GLY A 292 -40.08 18.02 5.92
CA GLY A 292 -40.98 19.04 6.44
C GLY A 292 -40.27 20.09 7.29
N VAL A 293 -38.94 20.08 7.26
CA VAL A 293 -38.15 21.01 8.04
C VAL A 293 -37.57 22.07 7.13
N ASP A 294 -37.95 23.32 7.38
CA ASP A 294 -37.42 24.45 6.63
C ASP A 294 -36.15 24.97 7.31
N PHE A 295 -35.10 24.14 7.30
CA PHE A 295 -33.84 24.49 7.98
C PHE A 295 -33.17 25.69 7.33
N LYS A 296 -32.24 26.31 8.07
CA LYS A 296 -31.56 27.52 7.61
C LYS A 296 -30.50 27.26 6.53
N VAL A 297 -30.68 27.88 5.36
CA VAL A 297 -29.63 27.89 4.34
C VAL A 297 -29.25 29.30 3.88
N GLU A 298 -27.94 29.52 3.70
CA GLU A 298 -27.43 30.83 3.31
C GLU A 298 -26.51 30.73 2.11
N LEU A 299 -26.66 31.69 1.19
CA LEU A 299 -25.81 31.79 0.03
C LEU A 299 -24.44 32.30 0.45
N ALA A 300 -23.39 31.63 -0.02
CA ALA A 300 -22.03 32.09 0.20
C ALA A 300 -21.32 32.21 -1.14
N PRO A 301 -20.16 32.88 -1.16
CA PRO A 301 -19.36 32.98 -2.38
C PRO A 301 -18.84 31.61 -2.79
N ARG A 302 -18.37 31.51 -4.03
CA ARG A 302 -17.66 30.32 -4.46
C ARG A 302 -16.50 30.03 -3.52
N ARG A 303 -16.27 28.75 -3.27
CA ARG A 303 -15.12 28.29 -2.52
C ARG A 303 -14.07 27.95 -3.57
N ALA A 304 -12.96 28.70 -3.59
CA ALA A 304 -11.92 28.48 -4.59
C ALA A 304 -11.49 27.02 -4.57
N GLY A 305 -11.21 26.47 -5.74
CA GLY A 305 -10.83 25.08 -5.84
C GLY A 305 -11.96 24.08 -6.07
N ASP A 306 -13.20 24.45 -5.73
CA ASP A 306 -14.32 23.52 -5.89
C ASP A 306 -14.74 23.38 -7.35
N PRO A 307 -14.72 22.14 -7.87
CA PRO A 307 -15.23 21.98 -9.24
C PRO A 307 -16.76 22.16 -9.27
N SER A 308 -17.30 22.67 -10.38
CA SER A 308 -18.74 22.80 -10.48
C SER A 308 -19.41 21.41 -10.55
N VAL A 309 -18.71 20.46 -11.16
CA VAL A 309 -19.25 19.10 -11.38
C VAL A 309 -18.20 18.04 -11.03
N LEU A 310 -18.62 17.05 -10.25
CA LEU A 310 -17.76 15.89 -9.95
C LEU A 310 -18.67 14.66 -9.74
N ILE A 311 -18.69 13.76 -10.72
CA ILE A 311 -19.54 12.58 -10.63
C ILE A 311 -18.82 11.39 -11.25
N SER A 312 -19.31 10.19 -10.97
CA SER A 312 -18.74 8.98 -11.57
C SER A 312 -19.26 8.83 -13.00
N ASP A 313 -18.41 8.34 -13.89
CA ASP A 313 -18.85 7.84 -15.18
C ASP A 313 -19.29 6.39 -14.95
N ALA A 314 -20.58 6.11 -15.09
CA ALA A 314 -21.11 4.76 -14.83
C ALA A 314 -21.42 3.96 -16.09
N SER A 315 -20.93 4.39 -17.25
CA SER A 315 -21.23 3.70 -18.49
C SER A 315 -20.67 2.25 -18.50
N LYS A 316 -19.46 2.07 -17.97
CA LYS A 316 -18.85 0.74 -17.93
C LYS A 316 -19.73 -0.31 -17.20
N ILE A 317 -20.15 -0.01 -15.98
CA ILE A 317 -20.97 -0.96 -15.23
C ILE A 317 -22.32 -1.26 -15.91
N ARG A 318 -22.95 -0.24 -16.53
CA ARG A 318 -24.19 -0.44 -17.27
C ARG A 318 -23.93 -1.38 -18.46
N ASN A 319 -22.83 -1.12 -19.15
CA ASN A 319 -22.45 -1.90 -20.32
C ASN A 319 -22.12 -3.39 -20.04
N LEU A 320 -21.41 -3.66 -18.96
CA LEU A 320 -20.85 -5.00 -18.71
C LEU A 320 -21.62 -5.88 -17.72
N THR A 321 -22.58 -5.30 -17.01
CA THR A 321 -23.31 -6.05 -15.99
C THR A 321 -24.82 -5.84 -16.08
N SER A 322 -25.54 -6.55 -15.22
CA SER A 322 -26.99 -6.49 -15.21
C SER A 322 -27.47 -5.49 -14.17
N TRP A 323 -26.56 -4.69 -13.62
CA TRP A 323 -26.96 -3.76 -12.56
C TRP A 323 -27.94 -2.70 -13.08
N GLN A 324 -29.07 -2.58 -12.39
CA GLN A 324 -30.08 -1.58 -12.72
C GLN A 324 -30.60 -0.95 -11.43
N PRO A 325 -30.20 0.31 -11.18
CA PRO A 325 -30.62 0.95 -9.94
C PRO A 325 -32.12 1.19 -10.00
N LYS A 326 -32.77 1.26 -8.86
CA LYS A 326 -34.18 1.54 -8.92
C LYS A 326 -34.59 2.58 -7.89
N TYR A 327 -33.60 3.22 -7.27
CA TYR A 327 -33.91 4.34 -6.37
C TYR A 327 -33.20 5.65 -6.77
N ASP A 328 -32.94 5.81 -8.08
CA ASP A 328 -32.47 7.09 -8.61
C ASP A 328 -33.64 8.07 -8.52
N ASP A 329 -33.88 8.57 -7.31
CA ASP A 329 -35.02 9.43 -7.03
C ASP A 329 -34.63 10.27 -5.84
N LEU A 330 -34.41 11.57 -6.05
CA LEU A 330 -33.82 12.43 -5.02
C LEU A 330 -34.64 12.47 -3.75
N GLU A 331 -35.96 12.44 -3.89
CA GLU A 331 -36.81 12.47 -2.69
C GLU A 331 -36.65 11.21 -1.84
N LEU A 332 -36.58 10.05 -2.51
CA LEU A 332 -36.33 8.78 -1.83
C LEU A 332 -34.97 8.77 -1.16
N ILE A 333 -33.97 9.27 -1.88
CA ILE A 333 -32.61 9.31 -1.36
C ILE A 333 -32.55 10.22 -0.14
N CYS A 334 -33.12 11.41 -0.23
CA CYS A 334 -33.12 12.32 0.91
C CYS A 334 -33.94 11.77 2.08
N LYS A 335 -35.09 11.15 1.78
CA LYS A 335 -35.89 10.49 2.82
C LYS A 335 -35.08 9.42 3.54
N SER A 336 -34.41 8.58 2.77
CA SER A 336 -33.53 7.56 3.35
C SER A 336 -32.45 8.19 4.24
N ALA A 337 -31.76 9.20 3.72
CA ALA A 337 -30.72 9.88 4.49
C ALA A 337 -31.29 10.45 5.77
N PHE A 338 -32.47 11.07 5.65
CA PHE A 338 -33.13 11.69 6.79
C PHE A 338 -33.47 10.67 7.86
N ASP A 339 -34.08 9.57 7.44
CA ASP A 339 -34.47 8.50 8.34
C ASP A 339 -33.25 7.91 9.03
N TRP A 340 -32.22 7.59 8.23
CA TRP A 340 -31.00 7.04 8.82
C TRP A 340 -30.26 8.04 9.71
N GLU A 341 -30.33 9.32 9.35
CA GLU A 341 -29.66 10.36 10.13
C GLU A 341 -30.11 10.35 11.59
N LYS A 342 -31.42 10.23 11.79
CA LYS A 342 -32.01 10.26 13.13
C LYS A 342 -31.61 9.02 13.95
N GLN A 343 -31.16 7.98 13.25
CA GLN A 343 -30.64 6.77 13.87
C GLN A 343 -29.16 6.91 14.25
N CYS A 344 -28.43 7.74 13.49
CA CYS A 344 -27.01 7.95 13.73
C CYS A 344 -26.74 8.45 15.14
N GLY B 16 24.62 6.93 25.57
CA GLY B 16 24.32 6.87 24.15
C GLY B 16 22.85 6.56 23.84
N SER B 17 22.43 6.91 22.63
CA SER B 17 21.05 6.65 22.17
C SER B 17 20.76 5.16 21.97
N LYS B 18 19.54 4.74 22.32
CA LYS B 18 19.14 3.34 22.19
C LYS B 18 18.51 3.06 20.82
N ILE B 19 19.17 2.20 20.06
CA ILE B 19 18.84 2.01 18.66
C ILE B 19 18.51 0.55 18.38
N LEU B 20 17.39 0.33 17.70
CA LEU B 20 17.03 -1.01 17.27
C LEU B 20 17.31 -1.19 15.79
N ILE B 21 18.03 -2.26 15.46
CA ILE B 21 18.28 -2.61 14.07
C ILE B 21 17.44 -3.84 13.69
N SER B 22 16.32 -3.64 13.00
CA SER B 22 15.51 -4.77 12.53
C SER B 22 16.21 -5.37 11.32
N GLY B 23 16.24 -6.69 11.23
CA GLY B 23 16.95 -7.36 10.14
C GLY B 23 18.45 -7.37 10.36
N GLY B 24 18.87 -7.11 11.59
CA GLY B 24 20.28 -6.96 11.92
C GLY B 24 21.14 -8.20 11.77
N ALA B 25 20.52 -9.37 11.57
CA ALA B 25 21.29 -10.58 11.36
C ALA B 25 21.47 -10.85 9.87
N GLY B 26 20.90 -9.97 9.04
CA GLY B 26 20.97 -10.11 7.60
C GLY B 26 22.23 -9.48 7.05
N TYR B 27 22.33 -9.40 5.72
CA TYR B 27 23.57 -8.98 5.06
C TYR B 27 23.99 -7.53 5.33
N ILE B 28 23.13 -6.59 4.95
CA ILE B 28 23.39 -5.18 5.20
C ILE B 28 23.24 -4.85 6.69
N GLY B 29 22.24 -5.45 7.33
CA GLY B 29 21.98 -5.19 8.73
C GLY B 29 23.16 -5.54 9.62
N SER B 30 23.85 -6.64 9.30
CA SER B 30 24.98 -7.09 10.11
C SER B 30 26.19 -6.18 9.90
N HIS B 31 26.39 -5.71 8.66
CA HIS B 31 27.47 -4.76 8.41
C HIS B 31 27.18 -3.39 9.00
N THR B 32 25.89 -3.05 9.09
CA THR B 32 25.50 -1.79 9.71
C THR B 32 25.65 -1.90 11.23
N LEU B 33 25.28 -3.06 11.77
CA LEU B 33 25.45 -3.34 13.19
C LEU B 33 26.91 -3.21 13.59
N ARG B 34 27.81 -3.80 12.79
CA ARG B 34 29.24 -3.70 13.09
C ARG B 34 29.71 -2.24 13.18
N GLN B 35 29.22 -1.39 12.28
CA GLN B 35 29.57 0.03 12.33
C GLN B 35 28.95 0.74 13.54
N PHE B 36 27.72 0.36 13.91
CA PHE B 36 27.05 0.99 15.05
C PHE B 36 27.73 0.64 16.39
N LEU B 37 28.32 -0.54 16.45
CA LEU B 37 29.00 -1.01 17.67
C LEU B 37 30.30 -0.22 17.92
N LYS B 38 30.72 0.58 16.94
CA LYS B 38 31.87 1.44 17.12
C LYS B 38 31.47 2.77 17.74
N THR B 39 30.18 3.08 17.69
CA THR B 39 29.65 4.31 18.25
C THR B 39 29.35 4.11 19.74
N ASP B 40 28.85 5.16 20.38
CA ASP B 40 28.54 5.12 21.79
C ASP B 40 27.10 4.72 22.04
N HIS B 41 26.44 4.27 20.99
CA HIS B 41 25.03 3.93 21.08
C HIS B 41 24.78 2.59 21.78
N GLU B 42 23.67 2.55 22.51
CA GLU B 42 23.13 1.30 23.01
C GLU B 42 22.42 0.63 21.84
N ILE B 43 22.97 -0.49 21.37
CA ILE B 43 22.48 -1.15 20.19
C ILE B 43 21.68 -2.41 20.51
N CYS B 44 20.53 -2.55 19.86
CA CYS B 44 19.77 -3.80 19.89
C CYS B 44 19.50 -4.29 18.47
N VAL B 45 19.35 -5.60 18.33
CA VAL B 45 19.07 -6.23 17.05
C VAL B 45 17.80 -7.08 17.15
N LEU B 46 16.92 -6.95 16.16
CA LEU B 46 15.74 -7.82 16.05
C LEU B 46 15.84 -8.58 14.73
N ASP B 47 15.59 -9.89 14.79
CA ASP B 47 15.67 -10.73 13.59
C ASP B 47 15.04 -12.08 13.90
N ASN B 48 14.32 -12.64 12.93
CA ASN B 48 13.71 -13.96 13.12
C ASN B 48 14.60 -15.06 12.57
N LEU B 49 15.76 -14.67 12.04
CA LEU B 49 16.74 -15.62 11.52
C LEU B 49 16.22 -16.47 10.35
N SER B 50 15.19 -15.97 9.67
CA SER B 50 14.62 -16.69 8.53
C SER B 50 15.65 -16.82 7.41
N LYS B 51 16.60 -15.89 7.40
CA LYS B 51 17.61 -15.87 6.37
C LYS B 51 18.92 -15.42 6.99
N GLY B 52 18.81 -14.52 7.98
CA GLY B 52 19.99 -14.01 8.66
C GLY B 52 20.65 -15.06 9.53
N SER B 53 21.95 -14.91 9.75
CA SER B 53 22.72 -15.91 10.49
C SER B 53 23.00 -15.45 11.92
N LYS B 54 22.68 -16.31 12.88
CA LYS B 54 23.00 -16.04 14.28
C LYS B 54 24.51 -16.10 14.48
N ILE B 55 25.18 -16.78 13.55
CA ILE B 55 26.64 -16.90 13.55
C ILE B 55 27.33 -15.52 13.52
N ALA B 56 27.03 -14.73 12.49
CA ALA B 56 27.51 -13.35 12.39
C ALA B 56 27.16 -12.53 13.64
N ILE B 57 26.00 -12.82 14.22
CA ILE B 57 25.54 -12.13 15.44
C ILE B 57 26.41 -12.43 16.68
N GLU B 58 26.63 -13.71 16.97
CA GLU B 58 27.45 -14.12 18.11
C GLU B 58 28.88 -13.60 18.00
N ASP B 59 29.44 -13.66 16.79
CA ASP B 59 30.83 -13.28 16.56
C ASP B 59 31.03 -11.76 16.56
N LEU B 60 29.92 -11.03 16.70
CA LEU B 60 29.96 -9.59 16.92
C LEU B 60 29.62 -9.29 18.39
N ALA B 61 28.76 -10.13 18.98
CA ALA B 61 28.40 -10.03 20.39
C ALA B 61 29.56 -10.44 21.30
N ALA B 62 30.69 -10.76 20.69
CA ALA B 62 31.96 -10.91 21.39
C ALA B 62 32.64 -9.54 21.49
N THR B 63 32.78 -8.90 20.32
CA THR B 63 33.39 -7.57 20.19
C THR B 63 32.83 -6.52 21.16
N ARG B 64 31.54 -6.23 21.03
CA ARG B 64 30.84 -5.38 22.01
C ARG B 64 29.49 -6.01 22.35
N ALA B 65 28.99 -5.73 23.55
CA ALA B 65 27.72 -6.31 23.99
C ALA B 65 26.53 -5.58 23.36
N PHE B 66 25.65 -6.35 22.71
CA PHE B 66 24.40 -5.80 22.20
C PHE B 66 23.26 -6.78 22.48
N LYS B 67 22.07 -6.22 22.69
CA LYS B 67 20.89 -7.01 23.01
C LYS B 67 20.35 -7.62 21.73
N PHE B 68 20.11 -8.93 21.73
CA PHE B 68 19.52 -9.57 20.56
C PHE B 68 18.14 -10.14 20.83
N PHE B 69 17.18 -9.79 19.98
CA PHE B 69 15.81 -10.27 20.13
C PHE B 69 15.41 -11.11 18.92
N GLU B 70 15.32 -12.43 19.12
CA GLU B 70 14.87 -13.33 18.06
C GLU B 70 13.35 -13.26 17.99
N GLN B 71 12.85 -12.23 17.32
CA GLN B 71 11.43 -11.93 17.28
C GLN B 71 11.00 -11.74 15.81
N ASP B 72 9.82 -12.26 15.47
CA ASP B 72 9.31 -12.14 14.10
C ASP B 72 8.38 -10.93 14.05
N LEU B 73 8.57 -10.06 13.06
CA LEU B 73 7.78 -8.85 12.94
C LEU B 73 6.28 -9.13 12.70
N SER B 74 5.96 -10.36 12.31
CA SER B 74 4.57 -10.73 12.01
C SER B 74 3.77 -10.97 13.30
N ASP B 75 4.48 -11.07 14.42
CA ASP B 75 3.85 -11.20 15.70
C ASP B 75 3.65 -9.80 16.31
N PHE B 76 2.53 -9.15 15.96
CA PHE B 76 2.34 -7.75 16.34
C PHE B 76 2.34 -7.53 17.86
N GLN B 77 1.70 -8.41 18.61
CA GLN B 77 1.63 -8.23 20.07
C GLN B 77 3.01 -8.35 20.72
N GLY B 78 3.81 -9.30 20.23
CA GLY B 78 5.16 -9.47 20.70
C GLY B 78 6.04 -8.29 20.36
N VAL B 79 5.87 -7.74 19.16
CA VAL B 79 6.62 -6.56 18.78
C VAL B 79 6.29 -5.43 19.73
N LYS B 80 4.99 -5.23 19.97
CA LYS B 80 4.54 -4.19 20.88
C LYS B 80 5.08 -4.37 22.31
N ALA B 81 4.96 -5.58 22.87
CA ALA B 81 5.47 -5.86 24.21
C ALA B 81 6.92 -5.45 24.30
N LEU B 82 7.72 -5.97 23.37
CA LEU B 82 9.13 -5.63 23.25
C LEU B 82 9.40 -4.12 23.21
N PHE B 83 8.63 -3.38 22.41
CA PHE B 83 8.86 -1.94 22.24
C PHE B 83 8.42 -1.16 23.48
N GLU B 84 7.39 -1.66 24.15
CA GLU B 84 6.87 -1.01 25.34
C GLU B 84 7.90 -1.14 26.47
N ARG B 85 8.53 -2.31 26.53
CA ARG B 85 9.61 -2.59 27.47
C ARG B 85 10.86 -1.75 27.18
N GLU B 86 11.37 -1.86 25.95
CA GLU B 86 12.69 -1.33 25.63
C GLU B 86 12.75 0.19 25.41
N LYS B 87 11.68 0.79 24.94
CA LYS B 87 11.64 2.25 24.72
C LYS B 87 12.79 2.76 23.83
N PHE B 88 12.89 2.22 22.62
CA PHE B 88 13.92 2.65 21.67
C PHE B 88 13.81 4.15 21.36
N ASP B 89 14.95 4.76 21.03
CA ASP B 89 14.99 6.15 20.61
C ASP B 89 14.94 6.20 19.07
N ALA B 90 15.40 5.11 18.45
CA ALA B 90 15.46 5.01 16.99
C ALA B 90 15.40 3.57 16.49
N ILE B 91 14.95 3.41 15.25
CA ILE B 91 15.02 2.12 14.55
C ILE B 91 15.60 2.30 13.15
N VAL B 92 16.44 1.35 12.76
CA VAL B 92 16.93 1.25 11.40
C VAL B 92 16.33 -0.04 10.87
N HIS B 93 15.44 0.08 9.88
CA HIS B 93 14.58 -1.04 9.51
C HIS B 93 14.99 -1.70 8.19
N PHE B 94 15.76 -2.80 8.30
CA PHE B 94 16.22 -3.57 7.15
C PHE B 94 15.34 -4.79 6.85
N ALA B 95 14.60 -5.26 7.85
CA ALA B 95 13.89 -6.53 7.74
C ALA B 95 12.87 -6.51 6.61
N ALA B 96 12.99 -7.45 5.69
CA ALA B 96 12.12 -7.49 4.51
C ALA B 96 12.39 -8.75 3.70
N SER B 97 11.51 -9.03 2.73
CA SER B 97 11.85 -10.00 1.69
C SER B 97 12.33 -9.16 0.52
N ILE B 98 13.32 -9.63 -0.21
CA ILE B 98 14.06 -8.70 -1.07
C ILE B 98 14.17 -9.10 -2.55
N GLU B 99 13.48 -10.14 -2.97
CA GLU B 99 13.69 -10.67 -4.32
C GLU B 99 12.58 -10.32 -5.34
N VAL B 100 12.88 -9.42 -6.27
CA VAL B 100 11.94 -9.00 -7.31
C VAL B 100 11.34 -10.21 -8.00
N PHE B 101 12.20 -11.13 -8.40
CA PHE B 101 11.76 -12.33 -9.09
C PHE B 101 10.78 -13.16 -8.26
N GLU B 102 11.07 -13.32 -6.97
CA GLU B 102 10.15 -14.06 -6.11
C GLU B 102 8.82 -13.30 -5.94
N SER B 103 8.91 -11.99 -5.77
CA SER B 103 7.72 -11.16 -5.61
C SER B 103 6.77 -11.29 -6.81
N MET B 104 7.35 -11.51 -8.01
CA MET B 104 6.51 -11.68 -9.20
C MET B 104 5.63 -12.92 -9.10
N GLN B 105 6.19 -13.98 -8.51
CA GLN B 105 5.49 -15.26 -8.36
C GLN B 105 4.64 -15.35 -7.10
N ASN B 106 5.05 -14.65 -6.05
CA ASN B 106 4.37 -14.73 -4.77
C ASN B 106 4.22 -13.32 -4.19
N PRO B 107 3.29 -12.52 -4.76
CA PRO B 107 3.19 -11.12 -4.31
C PRO B 107 2.70 -11.00 -2.86
N LEU B 108 1.80 -11.86 -2.42
CA LEU B 108 1.30 -11.74 -1.06
C LEU B 108 2.41 -11.94 -0.01
N LYS B 109 3.38 -12.80 -0.28
CA LYS B 109 4.53 -12.93 0.63
C LYS B 109 5.20 -11.58 0.84
N TYR B 110 5.28 -10.79 -0.23
CA TYR B 110 5.96 -9.49 -0.19
C TYR B 110 5.10 -8.40 0.48
N TYR B 111 3.80 -8.36 0.17
CA TYR B 111 2.91 -7.43 0.85
C TYR B 111 2.77 -7.75 2.34
N MET B 112 2.83 -9.03 2.69
CA MET B 112 2.74 -9.41 4.10
C MET B 112 4.05 -9.14 4.83
N ASN B 113 5.15 -9.65 4.30
CA ASN B 113 6.40 -9.54 5.05
C ASN B 113 6.99 -8.14 5.01
N ASN B 114 6.67 -7.38 3.96
CA ASN B 114 7.20 -6.01 3.85
C ASN B 114 6.19 -4.99 4.32
N THR B 115 5.18 -4.73 3.52
CA THR B 115 4.21 -3.67 3.82
C THR B 115 3.45 -3.85 5.13
N VAL B 116 2.88 -5.03 5.31
CA VAL B 116 2.09 -5.29 6.50
C VAL B 116 2.95 -5.26 7.78
N ASN B 117 4.07 -5.98 7.78
CA ASN B 117 4.93 -5.98 8.98
C ASN B 117 5.43 -4.57 9.29
N THR B 118 5.85 -3.85 8.25
CA THR B 118 6.33 -2.48 8.43
C THR B 118 5.24 -1.56 8.97
N THR B 119 4.00 -1.74 8.49
CA THR B 119 2.90 -0.93 8.97
C THR B 119 2.68 -1.09 10.49
N ASN B 120 2.66 -2.31 10.98
CA ASN B 120 2.53 -2.50 12.42
C ASN B 120 3.72 -1.91 13.16
N LEU B 121 4.91 -2.07 12.59
CA LEU B 121 6.14 -1.54 13.17
C LEU B 121 6.03 -0.02 13.34
N ILE B 122 5.53 0.66 12.30
CA ILE B 122 5.36 2.10 12.36
C ILE B 122 4.34 2.52 13.43
N GLU B 123 3.22 1.81 13.51
CA GLU B 123 2.20 2.13 14.53
C GLU B 123 2.79 1.93 15.93
N THR B 124 3.54 0.85 16.09
CA THR B 124 4.22 0.55 17.34
C THR B 124 5.24 1.64 17.69
N CYS B 125 6.01 2.12 16.71
CA CYS B 125 6.93 3.22 16.96
C CYS B 125 6.18 4.44 17.50
N LEU B 126 5.11 4.83 16.80
CA LEU B 126 4.28 5.94 17.24
C LEU B 126 3.72 5.74 18.64
N GLN B 127 3.33 4.52 18.97
CA GLN B 127 2.73 4.24 20.28
C GLN B 127 3.74 4.22 21.42
N THR B 128 5.01 3.99 21.10
CA THR B 128 6.02 3.83 22.15
C THR B 128 7.14 4.86 22.12
N GLY B 129 6.97 5.92 21.34
CA GLY B 129 7.92 7.02 21.32
C GLY B 129 9.16 6.87 20.47
N VAL B 130 9.20 5.88 19.58
CA VAL B 130 10.36 5.76 18.69
C VAL B 130 10.17 6.80 17.59
N ASN B 131 10.86 7.93 17.73
CA ASN B 131 10.58 9.06 16.87
C ASN B 131 11.62 9.29 15.79
N LYS B 132 12.53 8.34 15.64
CA LYS B 132 13.44 8.34 14.51
C LYS B 132 13.38 7.00 13.78
N PHE B 133 13.04 7.02 12.50
CA PHE B 133 12.82 5.79 11.71
C PHE B 133 13.62 5.86 10.42
N ILE B 134 14.63 5.01 10.30
CA ILE B 134 15.40 4.97 9.08
C ILE B 134 14.94 3.75 8.28
N PHE B 135 14.43 3.97 7.07
CA PHE B 135 13.83 2.86 6.31
C PHE B 135 14.67 2.49 5.10
N SER B 136 14.97 1.19 4.96
CA SER B 136 15.66 0.70 3.78
C SER B 136 14.66 0.46 2.65
N SER B 137 14.58 1.43 1.73
CA SER B 137 13.71 1.30 0.57
C SER B 137 14.50 0.79 -0.60
N THR B 138 14.18 1.23 -1.81
CA THR B 138 14.79 0.62 -3.00
C THR B 138 14.61 1.43 -4.27
N ALA B 139 15.61 1.37 -5.15
CA ALA B 139 15.48 2.02 -6.45
C ALA B 139 14.35 1.40 -7.27
N ALA B 140 13.86 0.22 -6.84
CA ALA B 140 12.73 -0.41 -7.51
C ALA B 140 11.46 0.45 -7.42
N THR B 141 11.42 1.40 -6.48
CA THR B 141 10.29 2.31 -6.39
C THR B 141 10.20 3.18 -7.65
N TYR B 142 11.32 3.32 -8.37
CA TYR B 142 11.34 4.14 -9.58
C TYR B 142 10.78 3.40 -10.79
N GLY B 143 10.68 2.08 -10.70
CA GLY B 143 10.20 1.29 -11.82
C GLY B 143 11.15 1.36 -12.99
N GLU B 144 10.60 1.58 -14.19
CA GLU B 144 11.40 1.69 -15.41
C GLU B 144 11.43 3.16 -15.84
N PRO B 145 12.39 3.91 -15.31
CA PRO B 145 12.48 5.37 -15.42
C PRO B 145 12.66 5.82 -16.87
N GLN B 146 12.23 7.05 -17.15
CA GLN B 146 12.33 7.60 -18.49
C GLN B 146 13.71 8.23 -18.73
N THR B 147 14.50 8.35 -17.66
CA THR B 147 15.82 8.97 -17.72
C THR B 147 16.92 7.95 -17.36
N PRO B 148 18.16 8.22 -17.82
CA PRO B 148 19.35 7.41 -17.54
C PRO B 148 19.75 7.53 -16.08
N VAL B 149 19.49 8.69 -15.50
CA VAL B 149 19.86 8.96 -14.12
C VAL B 149 18.58 9.28 -13.36
N VAL B 150 18.47 8.76 -12.13
CA VAL B 150 17.23 8.89 -11.37
C VAL B 150 17.46 9.66 -10.07
N SER B 151 16.72 10.74 -9.86
CA SER B 151 16.84 11.50 -8.61
C SER B 151 15.66 11.19 -7.72
N GLU B 152 15.68 11.74 -6.50
CA GLU B 152 14.63 11.48 -5.53
C GLU B 152 13.28 12.00 -6.00
N THR B 153 13.30 12.93 -6.95
CA THR B 153 12.07 13.51 -7.50
C THR B 153 11.55 12.77 -8.76
N SER B 154 12.25 11.72 -9.20
CA SER B 154 11.74 10.92 -10.32
C SER B 154 10.41 10.29 -9.93
N PRO B 155 9.52 10.05 -10.91
CA PRO B 155 8.21 9.50 -10.52
C PRO B 155 8.34 8.12 -9.85
N LEU B 156 7.51 7.89 -8.84
CA LEU B 156 7.51 6.61 -8.15
C LEU B 156 6.49 5.70 -8.81
N ALA B 157 6.96 4.80 -9.67
CA ALA B 157 6.07 3.98 -10.48
C ALA B 157 6.58 2.55 -10.55
N PRO B 158 6.62 1.86 -9.40
CA PRO B 158 7.18 0.50 -9.37
C PRO B 158 6.39 -0.42 -10.27
N ILE B 159 7.08 -1.37 -10.90
CA ILE B 159 6.41 -2.30 -11.80
C ILE B 159 6.40 -3.76 -11.33
N ASN B 160 6.82 -4.01 -10.09
CA ASN B 160 6.71 -5.37 -9.54
C ASN B 160 6.29 -5.31 -8.07
N PRO B 161 5.77 -6.42 -7.53
CA PRO B 161 5.23 -6.34 -6.17
C PRO B 161 6.29 -5.97 -5.12
N TYR B 162 7.55 -6.36 -5.33
CA TYR B 162 8.58 -5.97 -4.37
C TYR B 162 8.64 -4.45 -4.28
N GLY B 163 8.79 -3.80 -5.43
CA GLY B 163 8.86 -2.35 -5.50
C GLY B 163 7.63 -1.67 -4.96
N ARG B 164 6.46 -2.22 -5.29
CA ARG B 164 5.21 -1.66 -4.76
C ARG B 164 5.12 -1.79 -3.23
N SER B 165 5.55 -2.94 -2.69
CA SER B 165 5.47 -3.20 -1.25
C SER B 165 6.31 -2.20 -0.46
N LYS B 166 7.47 -1.83 -1.01
CA LYS B 166 8.34 -0.83 -0.38
C LYS B 166 7.76 0.58 -0.52
N LEU B 167 7.28 0.92 -1.71
CA LEU B 167 6.68 2.25 -1.92
C LEU B 167 5.52 2.47 -0.97
N MET B 168 4.70 1.44 -0.80
CA MET B 168 3.56 1.55 0.12
C MET B 168 4.04 1.95 1.51
N SER B 169 5.14 1.34 1.95
CA SER B 169 5.66 1.65 3.28
C SER B 169 6.21 3.09 3.36
N GLU B 170 6.87 3.56 2.30
CA GLU B 170 7.30 4.97 2.26
C GLU B 170 6.09 5.87 2.45
N GLU B 171 4.97 5.54 1.80
CA GLU B 171 3.75 6.35 1.93
C GLU B 171 3.14 6.34 3.34
N VAL B 172 3.13 5.18 3.99
CA VAL B 172 2.72 5.13 5.38
C VAL B 172 3.63 6.03 6.25
N LEU B 173 4.94 5.94 6.06
CA LEU B 173 5.87 6.81 6.80
C LEU B 173 5.57 8.31 6.59
N ARG B 174 5.36 8.69 5.34
CA ARG B 174 4.99 10.09 5.03
C ARG B 174 3.75 10.52 5.77
N ASP B 175 2.71 9.70 5.76
CA ASP B 175 1.49 10.02 6.49
C ASP B 175 1.71 10.02 8.00
N ALA B 176 2.54 9.12 8.50
CA ALA B 176 2.83 9.06 9.93
C ALA B 176 3.46 10.39 10.39
N SER B 177 4.46 10.86 9.65
CA SER B 177 5.14 12.10 10.02
C SER B 177 4.25 13.33 9.83
N MET B 178 3.35 13.29 8.86
CA MET B 178 2.41 14.40 8.67
C MET B 178 1.46 14.53 9.86
N ALA B 179 0.93 13.40 10.33
CA ALA B 179 0.00 13.45 11.45
C ALA B 179 0.72 13.52 12.81
N ASN B 180 2.04 13.29 12.81
CA ASN B 180 2.85 13.25 14.03
C ASN B 180 4.22 13.91 13.84
N PRO B 181 4.24 15.26 13.80
CA PRO B 181 5.43 16.10 13.55
C PRO B 181 6.67 15.67 14.34
N GLU B 182 6.49 15.14 15.54
CA GLU B 182 7.61 14.59 16.33
C GLU B 182 8.23 13.33 15.71
N PHE B 183 7.47 12.61 14.88
CA PHE B 183 7.97 11.38 14.29
C PHE B 183 8.76 11.69 12.99
N LYS B 184 10.06 11.42 13.01
CA LYS B 184 10.89 11.72 11.85
C LYS B 184 11.31 10.43 11.15
N HIS B 185 11.29 10.44 9.83
CA HIS B 185 11.73 9.27 9.09
C HIS B 185 12.78 9.70 8.09
N CYS B 186 13.66 8.78 7.77
CA CYS B 186 14.56 9.00 6.66
C CYS B 186 14.58 7.74 5.83
N ILE B 187 14.34 7.90 4.54
CA ILE B 187 14.20 6.77 3.63
C ILE B 187 15.39 6.71 2.69
N LEU B 188 16.03 5.56 2.58
CA LEU B 188 17.14 5.39 1.65
C LEU B 188 16.73 4.49 0.48
N ARG B 189 17.00 4.95 -0.74
CA ARG B 189 16.76 4.15 -1.94
C ARG B 189 18.10 3.89 -2.61
N TYR B 190 18.29 2.67 -3.08
CA TYR B 190 19.55 2.34 -3.76
C TYR B 190 19.35 1.15 -4.68
N PHE B 191 20.26 0.96 -5.63
CA PHE B 191 20.21 -0.23 -6.47
C PHE B 191 20.90 -1.43 -5.77
N ASN B 192 21.35 -2.41 -6.55
CA ASN B 192 21.87 -3.67 -6.00
C ASN B 192 23.14 -3.54 -5.11
N VAL B 193 23.18 -4.32 -4.04
CA VAL B 193 24.33 -4.30 -3.12
C VAL B 193 25.18 -5.53 -3.38
N ALA B 194 26.43 -5.30 -3.78
CA ALA B 194 27.33 -6.40 -4.16
C ALA B 194 27.42 -7.40 -3.00
N GLY B 195 27.27 -8.68 -3.31
CA GLY B 195 27.43 -9.73 -2.32
C GLY B 195 26.14 -10.28 -1.75
N ALA B 196 25.03 -9.59 -1.98
CA ALA B 196 23.74 -10.03 -1.45
C ALA B 196 23.33 -11.41 -1.95
N CYS B 197 22.81 -12.22 -1.04
CA CYS B 197 22.27 -13.53 -1.40
C CYS B 197 20.87 -13.38 -1.94
N MET B 198 20.60 -13.96 -3.10
CA MET B 198 19.24 -13.97 -3.60
C MET B 198 18.92 -15.31 -4.17
N ASP B 199 18.64 -16.23 -3.26
CA ASP B 199 18.59 -17.66 -3.53
C ASP B 199 17.51 -18.00 -4.54
N TYR B 200 16.39 -17.32 -4.43
CA TYR B 200 15.27 -17.62 -5.30
C TYR B 200 15.58 -17.25 -6.76
N THR B 201 16.31 -16.17 -6.96
CA THR B 201 16.56 -15.65 -8.31
C THR B 201 17.62 -16.45 -9.07
N LEU B 202 18.43 -17.24 -8.35
CA LEU B 202 19.34 -18.18 -9.00
C LEU B 202 18.54 -19.08 -9.95
N GLY B 203 17.27 -19.30 -9.64
CA GLY B 203 16.38 -20.04 -10.52
C GLY B 203 15.83 -19.23 -11.68
N GLN B 204 16.26 -17.98 -11.80
CA GLN B 204 15.84 -17.14 -12.94
C GLN B 204 16.89 -17.17 -14.05
N ARG B 205 16.48 -17.55 -15.25
CA ARG B 205 17.47 -17.68 -16.34
C ARG B 205 18.11 -16.34 -16.74
N TYR B 206 17.31 -15.32 -16.98
CA TYR B 206 17.87 -14.05 -17.44
C TYR B 206 17.49 -12.87 -16.56
N PRO B 207 18.19 -12.69 -15.43
CA PRO B 207 17.97 -11.51 -14.60
C PRO B 207 18.35 -10.25 -15.36
N LYS B 208 17.74 -9.14 -15.02
CA LYS B 208 18.07 -7.86 -15.63
C LYS B 208 19.50 -7.46 -15.28
N ALA B 209 20.02 -6.50 -16.03
CA ALA B 209 21.39 -6.04 -15.86
C ALA B 209 21.67 -5.44 -14.48
N THR B 210 20.63 -4.97 -13.79
CA THR B 210 20.78 -4.47 -12.42
C THR B 210 21.31 -5.55 -11.47
N LEU B 211 21.17 -6.81 -11.86
CA LEU B 211 21.70 -7.91 -11.07
C LEU B 211 22.95 -8.52 -11.69
N LEU B 212 23.63 -7.78 -12.57
CA LEU B 212 24.78 -8.37 -13.28
C LEU B 212 25.96 -8.79 -12.37
N ILE B 213 26.27 -8.00 -11.34
CA ILE B 213 27.40 -8.34 -10.48
C ILE B 213 27.17 -9.66 -9.74
N LYS B 214 25.90 -9.93 -9.43
CA LYS B 214 25.49 -11.16 -8.77
C LYS B 214 25.57 -12.35 -9.72
N VAL B 215 25.07 -12.16 -10.95
CA VAL B 215 25.21 -13.18 -12.00
C VAL B 215 26.67 -13.50 -12.29
N ALA B 216 27.51 -12.46 -12.29
CA ALA B 216 28.95 -12.64 -12.54
C ALA B 216 29.60 -13.43 -11.42
N ALA B 217 29.28 -13.06 -10.18
CA ALA B 217 29.75 -13.80 -9.01
C ALA B 217 29.33 -15.26 -9.11
N GLU B 218 28.05 -15.49 -9.37
CA GLU B 218 27.53 -16.86 -9.51
C GLU B 218 28.26 -17.68 -10.58
N CYS B 219 28.60 -17.05 -11.71
CA CYS B 219 29.36 -17.74 -12.75
C CYS B 219 30.78 -18.08 -12.26
N ALA B 220 31.45 -17.11 -11.65
CA ALA B 220 32.79 -17.32 -11.12
C ALA B 220 32.82 -18.43 -10.06
N ALA B 221 31.74 -18.54 -9.29
CA ALA B 221 31.60 -19.58 -8.27
C ALA B 221 31.11 -20.92 -8.84
N GLY B 222 30.89 -20.98 -10.15
CA GLY B 222 30.43 -22.21 -10.76
C GLY B 222 28.97 -22.56 -10.50
N LYS B 223 28.17 -21.57 -10.09
CA LYS B 223 26.74 -21.81 -9.83
C LYS B 223 25.89 -21.59 -11.07
N ARG B 224 26.39 -20.78 -12.00
CA ARG B 224 25.79 -20.66 -13.32
C ARG B 224 26.89 -21.01 -14.34
N ASP B 225 26.50 -21.68 -15.44
CA ASP B 225 27.49 -22.14 -16.41
C ASP B 225 27.97 -21.03 -17.33
N LYS B 226 27.11 -20.03 -17.54
CA LYS B 226 27.28 -19.04 -18.60
C LYS B 226 26.72 -17.69 -18.19
N LEU B 227 27.30 -16.62 -18.72
CA LEU B 227 26.78 -15.26 -18.53
C LEU B 227 26.63 -14.56 -19.89
N PHE B 228 25.47 -13.97 -20.16
CA PHE B 228 25.26 -13.22 -21.41
C PHE B 228 25.56 -11.72 -21.32
N ILE B 229 26.19 -11.20 -22.37
CA ILE B 229 26.22 -9.76 -22.64
C ILE B 229 25.19 -9.46 -23.74
N PHE B 230 24.13 -8.73 -23.41
CA PHE B 230 23.10 -8.37 -24.40
C PHE B 230 23.39 -7.01 -25.04
N GLY B 231 24.09 -7.04 -26.17
CA GLY B 231 24.42 -5.82 -26.90
C GLY B 231 25.73 -5.21 -26.46
N ASP B 232 26.59 -4.89 -27.42
CA ASP B 232 27.83 -4.18 -27.11
C ASP B 232 27.97 -2.93 -27.98
N ASP B 233 26.84 -2.48 -28.53
CA ASP B 233 26.84 -1.33 -29.42
C ASP B 233 25.98 -0.16 -28.91
N TYR B 234 25.91 -0.01 -27.58
CA TYR B 234 25.21 1.13 -26.98
C TYR B 234 26.09 2.36 -26.98
N ASP B 235 25.47 3.52 -26.84
CA ASP B 235 26.20 4.77 -26.72
C ASP B 235 26.76 4.91 -25.30
N THR B 236 27.75 4.08 -24.99
CA THR B 236 28.43 4.12 -23.69
C THR B 236 29.92 3.97 -23.95
N LYS B 237 30.74 4.26 -22.95
CA LYS B 237 32.19 4.14 -23.08
C LYS B 237 32.63 2.87 -23.83
N ASP B 238 32.21 1.69 -23.37
CA ASP B 238 32.62 0.43 -24.03
C ASP B 238 31.51 -0.26 -24.81
N GLY B 239 30.36 0.40 -24.92
CA GLY B 239 29.27 -0.16 -25.71
C GLY B 239 28.31 -1.06 -24.95
N THR B 240 28.65 -1.41 -23.71
CA THR B 240 27.77 -2.26 -22.92
C THR B 240 26.99 -1.46 -21.87
N CYS B 241 25.91 -2.06 -21.36
CA CYS B 241 25.03 -1.38 -20.41
C CYS B 241 25.76 -0.92 -19.17
N ILE B 242 25.29 0.18 -18.59
CA ILE B 242 25.87 0.73 -17.38
C ILE B 242 24.84 0.71 -16.25
N ARG B 243 25.21 0.08 -15.13
CA ARG B 243 24.29 -0.05 -14.00
C ARG B 243 24.95 0.35 -12.69
N ASP B 244 24.15 0.42 -11.63
CA ASP B 244 24.58 1.01 -10.36
C ASP B 244 24.80 -0.08 -9.32
N PHE B 245 26.01 -0.15 -8.77
CA PHE B 245 26.32 -1.16 -7.76
C PHE B 245 26.95 -0.47 -6.57
N ILE B 246 26.85 -1.08 -5.39
CA ILE B 246 27.40 -0.44 -4.20
C ILE B 246 27.97 -1.46 -3.22
N HIS B 247 29.01 -1.05 -2.51
CA HIS B 247 29.66 -1.90 -1.52
C HIS B 247 28.80 -1.99 -0.25
N VAL B 248 28.69 -3.19 0.31
CA VAL B 248 27.84 -3.38 1.49
C VAL B 248 28.19 -2.41 2.61
N ASP B 249 29.48 -2.12 2.76
CA ASP B 249 29.90 -1.20 3.82
C ASP B 249 29.58 0.27 3.49
N ASP B 250 29.49 0.59 2.21
CA ASP B 250 29.11 1.96 1.83
C ASP B 250 27.61 2.22 2.03
N ILE B 251 26.77 1.24 1.70
CA ILE B 251 25.33 1.41 2.00
C ILE B 251 25.12 1.37 3.52
N SER B 252 25.92 0.58 4.23
CA SER B 252 25.80 0.52 5.69
C SER B 252 26.10 1.88 6.32
N SER B 253 27.18 2.53 5.90
CA SER B 253 27.53 3.82 6.50
C SER B 253 26.47 4.87 6.18
N ALA B 254 25.90 4.79 4.99
CA ALA B 254 24.83 5.70 4.59
C ALA B 254 23.67 5.65 5.60
N HIS B 255 23.42 4.46 6.16
CA HIS B 255 22.36 4.32 7.16
C HIS B 255 22.72 5.04 8.48
N LEU B 256 23.99 5.01 8.86
CA LEU B 256 24.41 5.79 10.02
C LEU B 256 24.28 7.28 9.74
N ALA B 257 24.74 7.69 8.56
CA ALA B 257 24.61 9.08 8.15
C ALA B 257 23.16 9.55 8.20
N ALA B 258 22.24 8.71 7.71
CA ALA B 258 20.81 9.07 7.71
C ALA B 258 20.32 9.36 9.12
N LEU B 259 20.71 8.52 10.08
CA LEU B 259 20.26 8.73 11.45
C LEU B 259 20.85 10.03 12.01
N ASP B 260 22.12 10.28 11.72
CA ASP B 260 22.77 11.53 12.11
C ASP B 260 22.03 12.72 11.55
N TYR B 261 21.70 12.64 10.25
CA TYR B 261 20.99 13.70 9.56
C TYR B 261 19.71 14.10 10.29
N LEU B 262 19.04 13.12 10.89
CA LEU B 262 17.75 13.36 11.57
C LEU B 262 17.87 14.10 12.90
N LYS B 263 19.08 14.16 13.47
CA LYS B 263 19.29 14.87 14.74
C LYS B 263 18.81 16.30 14.62
N GLU B 264 19.18 16.97 13.54
CA GLU B 264 18.94 18.40 13.43
C GLU B 264 18.10 18.77 12.20
N ASN B 265 17.65 17.75 11.47
CA ASN B 265 16.85 17.98 10.27
C ASN B 265 15.51 17.21 10.27
N GLU B 266 14.59 17.64 9.41
CA GLU B 266 13.28 16.99 9.30
C GLU B 266 13.35 15.77 8.39
N SER B 267 12.23 15.07 8.22
CA SER B 267 12.19 13.83 7.43
C SER B 267 12.67 14.08 6.01
N ASN B 268 13.23 13.05 5.39
CA ASN B 268 13.74 13.20 4.04
C ASN B 268 13.90 11.84 3.35
N VAL B 269 14.17 11.85 2.06
CA VAL B 269 14.51 10.63 1.32
C VAL B 269 15.79 10.90 0.55
N PHE B 270 16.70 9.93 0.53
CA PHE B 270 17.93 10.02 -0.26
C PHE B 270 18.17 8.78 -1.09
N ASN B 271 18.61 8.98 -2.33
CA ASN B 271 19.32 7.94 -3.06
C ASN B 271 20.68 7.72 -2.40
N VAL B 272 21.15 6.47 -2.39
CA VAL B 272 22.54 6.17 -2.02
C VAL B 272 23.24 5.58 -3.23
N GLY B 273 24.34 6.19 -3.66
CA GLY B 273 25.04 5.73 -4.84
C GLY B 273 26.39 6.41 -5.02
N TYR B 274 27.22 5.89 -5.91
CA TYR B 274 28.53 6.49 -6.16
C TYR B 274 28.45 7.71 -7.07
N GLY B 275 27.29 7.91 -7.71
CA GLY B 275 27.12 9.02 -8.62
C GLY B 275 27.58 8.70 -10.03
N HIS B 276 27.94 7.43 -10.25
CA HIS B 276 28.27 6.91 -11.58
C HIS B 276 27.95 5.42 -11.52
N GLY B 277 27.99 4.77 -12.68
CA GLY B 277 27.74 3.34 -12.71
C GLY B 277 28.98 2.55 -13.11
N PHE B 278 28.77 1.27 -13.42
CA PHE B 278 29.82 0.40 -13.94
C PHE B 278 29.22 -0.33 -15.13
N SER B 279 30.01 -0.54 -16.18
CA SER B 279 29.52 -1.25 -17.36
C SER B 279 29.49 -2.76 -17.14
N VAL B 280 28.69 -3.46 -17.94
CA VAL B 280 28.64 -4.91 -17.91
C VAL B 280 30.03 -5.50 -18.11
N LYS B 281 30.72 -4.99 -19.13
CA LYS B 281 32.06 -5.44 -19.52
C LYS B 281 33.07 -5.27 -18.38
N GLU B 282 33.07 -4.09 -17.74
CA GLU B 282 33.98 -3.80 -16.63
C GLU B 282 33.72 -4.74 -15.45
N VAL B 283 32.46 -4.97 -15.13
CA VAL B 283 32.11 -5.87 -14.05
C VAL B 283 32.61 -7.27 -14.36
N ILE B 284 32.36 -7.74 -15.58
CA ILE B 284 32.81 -9.07 -15.98
C ILE B 284 34.33 -9.25 -15.83
N GLU B 285 35.09 -8.29 -16.33
CA GLU B 285 36.55 -8.39 -16.30
C GLU B 285 37.07 -8.31 -14.86
N ALA B 286 36.49 -7.44 -14.07
CA ALA B 286 36.86 -7.35 -12.67
C ALA B 286 36.55 -8.66 -11.93
N MET B 287 35.38 -9.22 -12.19
CA MET B 287 34.99 -10.48 -11.53
C MET B 287 35.96 -11.60 -11.88
N LYS B 288 36.38 -11.66 -13.14
CA LYS B 288 37.36 -12.65 -13.60
C LYS B 288 38.72 -12.42 -12.97
N LYS B 289 39.12 -11.16 -12.87
CA LYS B 289 40.40 -10.83 -12.25
C LYS B 289 40.41 -11.27 -10.79
N VAL B 290 39.50 -10.71 -10.00
CA VAL B 290 39.38 -11.01 -8.58
C VAL B 290 39.29 -12.50 -8.28
N SER B 291 38.57 -13.24 -9.12
CA SER B 291 38.28 -14.65 -8.83
C SER B 291 39.23 -15.63 -9.50
N GLY B 292 39.99 -15.15 -10.48
CA GLY B 292 40.84 -16.02 -11.26
C GLY B 292 40.09 -17.06 -12.08
N VAL B 293 38.77 -16.91 -12.17
CA VAL B 293 37.95 -17.83 -12.96
C VAL B 293 37.53 -17.19 -14.30
N ASP B 294 37.96 -17.82 -15.40
CA ASP B 294 37.65 -17.33 -16.74
C ASP B 294 36.35 -17.96 -17.22
N PHE B 295 35.26 -17.64 -16.54
CA PHE B 295 33.96 -18.23 -16.86
C PHE B 295 33.47 -17.83 -18.26
N LYS B 296 32.54 -18.62 -18.79
CA LYS B 296 31.99 -18.38 -20.12
C LYS B 296 31.14 -17.12 -20.21
N VAL B 297 31.52 -16.23 -21.11
CA VAL B 297 30.72 -15.05 -21.45
C VAL B 297 30.30 -15.13 -22.92
N GLU B 298 29.00 -15.00 -23.18
CA GLU B 298 28.47 -15.12 -24.52
C GLU B 298 27.86 -13.76 -24.96
N LEU B 299 28.27 -13.25 -26.12
CA LEU B 299 27.74 -11.99 -26.62
C LEU B 299 26.46 -12.19 -27.43
N ALA B 300 25.40 -11.48 -27.05
CA ALA B 300 24.10 -11.61 -27.71
C ALA B 300 23.60 -10.24 -28.17
N PRO B 301 22.52 -10.21 -28.97
CA PRO B 301 21.98 -8.93 -29.43
C PRO B 301 21.39 -8.15 -28.25
N ARG B 302 21.11 -6.87 -28.47
CA ARG B 302 20.40 -6.06 -27.49
C ARG B 302 19.12 -6.77 -27.00
N ARG B 303 18.87 -6.66 -25.71
CA ARG B 303 17.66 -7.21 -25.10
C ARG B 303 16.56 -6.15 -25.09
N ALA B 304 15.34 -6.53 -25.47
CA ALA B 304 14.24 -5.55 -25.53
C ALA B 304 13.97 -4.92 -24.17
N GLY B 305 13.84 -3.60 -24.15
CA GLY B 305 13.47 -2.88 -22.95
C GLY B 305 14.66 -2.38 -22.15
N ASP B 306 15.86 -2.80 -22.55
CA ASP B 306 17.09 -2.47 -21.84
C ASP B 306 17.57 -1.06 -22.10
N PRO B 307 17.55 -0.20 -21.07
CA PRO B 307 18.19 1.10 -21.28
C PRO B 307 19.71 0.95 -21.25
N SER B 308 20.42 1.77 -22.00
CA SER B 308 21.88 1.74 -21.99
C SER B 308 22.43 2.09 -20.61
N VAL B 309 21.80 3.04 -19.94
CA VAL B 309 22.25 3.55 -18.64
C VAL B 309 21.10 3.64 -17.63
N LEU B 310 21.35 3.17 -16.41
CA LEU B 310 20.38 3.32 -15.32
C LEU B 310 21.13 3.37 -14.01
N ILE B 311 21.21 4.57 -13.42
CA ILE B 311 21.95 4.75 -12.17
C ILE B 311 21.27 5.81 -11.31
N SER B 312 21.68 5.88 -10.04
CA SER B 312 21.14 6.86 -9.10
C SER B 312 21.88 8.18 -9.21
N ASP B 313 21.12 9.27 -9.13
CA ASP B 313 21.68 10.57 -8.83
C ASP B 313 21.85 10.64 -7.32
N ALA B 314 23.10 10.68 -6.83
CA ALA B 314 23.36 10.72 -5.40
C ALA B 314 23.84 12.08 -4.91
N SER B 315 23.60 13.13 -5.68
CA SER B 315 24.09 14.45 -5.30
C SER B 315 23.39 15.00 -4.04
N LYS B 316 22.12 14.64 -3.86
CA LYS B 316 21.38 15.09 -2.68
C LYS B 316 22.03 14.64 -1.37
N ILE B 317 22.33 13.35 -1.23
CA ILE B 317 22.89 12.84 0.01
C ILE B 317 24.31 13.38 0.31
N ARG B 318 25.11 13.57 -0.75
CA ARG B 318 26.45 14.18 -0.61
C ARG B 318 26.33 15.57 -0.01
N ASN B 319 25.40 16.34 -0.58
CA ASN B 319 25.22 17.73 -0.20
C ASN B 319 24.57 17.92 1.17
N LEU B 320 23.69 17.01 1.57
CA LEU B 320 22.91 17.17 2.80
C LEU B 320 23.38 16.39 4.02
N THR B 321 24.26 15.42 3.80
CA THR B 321 24.72 14.58 4.92
C THR B 321 26.24 14.45 4.95
N SER B 322 26.72 13.81 6.01
CA SER B 322 28.15 13.56 6.19
C SER B 322 28.59 12.34 5.40
N TRP B 323 27.66 11.67 4.72
CA TRP B 323 28.00 10.41 4.07
C TRP B 323 29.11 10.60 3.03
N GLN B 324 30.08 9.70 3.05
CA GLN B 324 31.11 9.68 2.03
C GLN B 324 31.48 8.24 1.71
N PRO B 325 31.43 7.87 0.42
CA PRO B 325 31.80 6.51 0.02
C PRO B 325 33.24 6.22 0.37
N LYS B 326 33.53 4.98 0.74
CA LYS B 326 34.87 4.60 1.15
C LYS B 326 35.44 3.55 0.21
N TYR B 327 34.56 2.79 -0.45
CA TYR B 327 34.99 1.67 -1.28
C TYR B 327 34.48 1.70 -2.73
N ASP B 328 34.44 2.90 -3.31
CA ASP B 328 34.10 3.03 -4.72
C ASP B 328 35.28 2.52 -5.56
N ASP B 329 35.36 1.20 -5.70
CA ASP B 329 36.42 0.57 -6.46
C ASP B 329 35.89 -0.74 -6.98
N LEU B 330 35.84 -0.87 -8.30
CA LEU B 330 35.21 -2.01 -8.94
C LEU B 330 35.81 -3.33 -8.47
N GLU B 331 37.13 -3.35 -8.27
CA GLU B 331 37.79 -4.57 -7.83
C GLU B 331 37.32 -4.97 -6.42
N LEU B 332 37.31 -4.01 -5.50
CA LEU B 332 36.88 -4.28 -4.14
C LEU B 332 35.41 -4.71 -4.09
N ILE B 333 34.58 -4.14 -4.96
CA ILE B 333 33.17 -4.50 -5.02
C ILE B 333 32.98 -5.92 -5.54
N CYS B 334 33.70 -6.27 -6.61
CA CYS B 334 33.59 -7.63 -7.12
C CYS B 334 34.20 -8.65 -6.17
N LYS B 335 35.26 -8.25 -5.47
CA LYS B 335 35.87 -9.15 -4.50
C LYS B 335 34.90 -9.44 -3.37
N SER B 336 34.22 -8.38 -2.90
CA SER B 336 33.19 -8.54 -1.87
C SER B 336 32.08 -9.46 -2.37
N ALA B 337 31.63 -9.21 -3.61
CA ALA B 337 30.58 -10.03 -4.21
C ALA B 337 30.99 -11.52 -4.30
N PHE B 338 32.22 -11.76 -4.73
CA PHE B 338 32.72 -13.13 -4.90
C PHE B 338 32.88 -13.82 -3.54
N ASP B 339 33.51 -13.13 -2.60
CA ASP B 339 33.70 -13.69 -1.26
C ASP B 339 32.37 -14.07 -0.62
N TRP B 340 31.38 -13.19 -0.69
CA TRP B 340 30.10 -13.49 -0.08
C TRP B 340 29.28 -14.52 -0.88
N GLU B 341 29.52 -14.59 -2.19
CA GLU B 341 28.82 -15.55 -3.02
C GLU B 341 28.98 -16.98 -2.50
N LYS B 342 30.21 -17.30 -2.09
CA LYS B 342 30.53 -18.65 -1.64
C LYS B 342 29.91 -18.94 -0.27
N GLN B 343 29.45 -17.89 0.40
CA GLN B 343 28.83 -18.01 1.72
C GLN B 343 27.29 -18.14 1.63
N CYS B 344 26.74 -17.89 0.45
CA CYS B 344 25.29 -17.91 0.30
C CYS B 344 24.72 -19.32 0.46
PA NAD C . -19.80 0.64 7.97
O1A NAD C . -18.93 1.18 9.09
O2A NAD C . -21.26 0.78 8.30
O5B NAD C . -19.52 -0.89 7.72
C5B NAD C . -18.28 -1.40 8.09
C4B NAD C . -18.49 -2.70 8.79
O4B NAD C . -17.29 -3.43 8.88
C3B NAD C . -19.01 -2.48 10.24
O3B NAD C . -20.24 -3.20 10.62
C2B NAD C . -17.76 -2.73 11.12
O2B NAD C . -18.05 -3.18 12.36
C1B NAD C . -17.06 -3.74 10.25
N9A NAD C . -15.62 -3.83 10.55
C8A NAD C . -14.73 -2.82 10.54
N7A NAD C . -13.51 -3.27 10.88
C5A NAD C . -13.58 -4.59 11.12
C6A NAD C . -12.65 -5.57 11.50
N6A NAD C . -11.27 -5.21 11.71
N1A NAD C . -13.05 -6.86 11.64
C2A NAD C . -14.33 -7.23 11.45
N3A NAD C . -15.27 -6.29 11.08
C4A NAD C . -14.93 -4.99 10.91
O3 NAD C . -19.42 1.46 6.65
PN NAD C . -20.28 1.40 5.32
O1N NAD C . -21.28 0.28 5.38
O2N NAD C . -20.96 2.73 5.17
O5D NAD C . -19.27 1.18 4.13
C5D NAD C . -18.79 -0.12 3.89
C4D NAD C . -17.71 -0.14 2.81
O4D NAD C . -18.10 0.62 1.69
C3D NAD C . -16.34 0.32 3.30
O3D NAD C . -15.37 -0.45 2.72
C2D NAD C . -16.17 1.68 2.77
O2D NAD C . -14.85 2.06 2.59
C1D NAD C . -17.01 1.60 1.47
N1N NAD C . -17.54 2.95 0.95
C2N NAD C . -18.51 3.54 1.72
C3N NAD C . -19.05 4.76 1.31
C7N NAD C . -20.12 5.43 2.15
O7N NAD C . -20.52 4.93 3.18
N7N NAD C . -20.66 6.67 1.70
C4N NAD C . -18.59 5.36 0.15
C5N NAD C . -17.62 4.75 -0.61
C6N NAD C . -17.06 3.52 -0.21
C1 GOL D . -32.96 1.14 4.89
O1 GOL D . -34.07 1.57 5.62
C2 GOL D . -33.22 1.25 3.40
O2 GOL D . -33.89 0.09 2.94
C3 GOL D . -34.03 2.53 3.11
O3 GOL D . -33.42 3.64 3.75
C1 GOL E . 1.65 2.38 -3.81
O1 GOL E . 2.01 3.20 -2.73
C2 GOL E . 0.37 2.95 -4.39
O2 GOL E . -0.60 2.92 -3.36
C3 GOL E . 0.59 4.39 -4.86
O3 GOL E . 0.56 4.43 -6.27
C1 GOL F . -12.25 -1.70 13.93
O1 GOL F . -11.94 -2.58 14.98
C2 GOL F . -11.33 -0.48 14.03
O2 GOL F . -11.82 0.33 15.07
C3 GOL F . -9.92 -0.95 14.40
O3 GOL F . -9.08 0.16 14.69
C ACT G . -15.87 18.72 -3.48
O ACT G . -15.68 19.95 -3.67
OXT ACT G . -17.06 18.34 -3.34
CH3 ACT G . -14.74 17.75 -3.40
H1 ACT G . -13.79 18.28 -3.53
H2 ACT G . -14.85 17.00 -4.18
H3 ACT G . -14.75 17.26 -2.42
PA NAD H . 18.74 -9.82 4.08
O1A NAD H . 20.17 -10.33 4.07
O2A NAD H . 17.79 -10.90 3.66
O5B NAD H . 18.37 -9.30 5.51
C5B NAD H . 17.03 -9.16 5.89
C4B NAD H . 16.88 -9.58 7.30
O4B NAD H . 15.60 -9.40 7.81
C3B NAD H . 17.25 -11.08 7.51
O3B NAD H . 18.34 -11.32 8.46
C2B NAD H . 15.90 -11.76 7.81
O2B NAD H . 15.99 -12.85 8.61
C1B NAD H . 15.22 -10.61 8.48
N9A NAD H . 13.77 -10.73 8.44
C8A NAD H . 13.02 -10.89 7.33
N7A NAD H . 11.72 -10.95 7.67
C5A NAD H . 11.62 -10.83 9.01
C6A NAD H . 10.54 -10.82 9.93
N6A NAD H . 9.18 -10.98 9.49
N1A NAD H . 10.81 -10.67 11.24
C2A NAD H . 12.07 -10.54 11.72
N3A NAD H . 13.13 -10.54 10.87
C4A NAD H . 12.93 -10.69 9.53
O3 NAD H . 18.58 -8.63 3.04
PN NAD H . 19.60 -7.46 2.80
O1N NAD H . 20.60 -7.31 3.92
O2N NAD H . 20.31 -7.73 1.51
O5D NAD H . 18.75 -6.11 2.67
C5D NAD H . 18.18 -5.53 3.81
C4D NAD H . 17.26 -4.40 3.39
O4D NAD H . 17.90 -3.59 2.44
C3D NAD H . 15.91 -4.86 2.84
O3D NAD H . 14.87 -4.09 3.30
C2D NAD H . 15.98 -4.69 1.37
O2D NAD H . 14.76 -4.40 0.81
C1D NAD H . 17.01 -3.54 1.26
N1N NAD H . 17.73 -3.44 -0.11
C2N NAD H . 18.62 -4.43 -0.45
C3N NAD H . 19.28 -4.36 -1.68
C7N NAD H . 20.24 -5.46 -2.03
O7N NAD H . 20.77 -5.50 -3.13
N7N NAD H . 20.52 -6.47 -1.05
C4N NAD H . 19.03 -3.32 -2.54
C5N NAD H . 18.13 -2.33 -2.19
C6N NAD H . 17.47 -2.39 -0.96
C1 GOL I . 16.63 -5.42 -4.63
O1 GOL I . 16.81 -5.67 -3.25
C2 GOL I . 17.53 -4.31 -5.17
O2 GOL I . 18.04 -4.78 -6.41
C3 GOL I . 16.72 -3.05 -5.47
O3 GOL I . 17.49 -1.99 -6.02
C1 GOL J . 21.23 -12.21 -18.17
O1 GOL J . 20.32 -12.10 -17.10
C2 GOL J . 22.61 -12.33 -17.55
O2 GOL J . 23.38 -13.23 -18.33
C3 GOL J . 23.22 -10.93 -17.51
O3 GOL J . 22.33 -10.04 -16.84
C1 GOL K . 32.21 12.49 -2.19
O1 GOL K . 32.28 13.41 -1.12
C2 GOL K . 30.74 12.36 -2.59
O2 GOL K . 30.40 11.05 -2.98
C3 GOL K . 29.86 12.86 -1.45
O3 GOL K . 29.64 11.82 -0.51
C1 GOL L . 9.46 -15.35 7.08
O1 GOL L . 10.15 -14.41 7.86
C2 GOL L . 9.12 -14.71 5.74
O2 GOL L . 9.67 -15.52 4.73
C3 GOL L . 7.60 -14.60 5.62
O3 GOL L . 7.17 -15.05 4.35
C ACT M . 17.11 -2.91 -15.78
O ACT M . 16.67 -2.63 -16.92
OXT ACT M . 16.35 -2.70 -14.80
CH3 ACT M . 18.47 -3.48 -15.62
H1 ACT M . 18.95 -3.59 -16.60
H2 ACT M . 18.40 -4.47 -15.14
H3 ACT M . 19.07 -2.82 -14.99
#